data_5RLM
#
_entry.id   5RLM
#
_cell.length_a   59.176
_cell.length_b   70.115
_cell.length_c   85.502
_cell.angle_alpha   102.840
_cell.angle_beta   96.420
_cell.angle_gamma   112.110
#
_symmetry.space_group_name_H-M   'P 1'
#
loop_
_entity.id
_entity.type
_entity.pdbx_description
1 polymer Helicase
2 non-polymer 'ZINC ION'
3 non-polymer 'PHOSPHATE ION'
4 non-polymer N-(8-methyl-1,2,3,4-tetrahydroquinolin-5-yl)acetamide
5 water water
#
_entity_poly.entity_id   1
_entity_poly.type   'polypeptide(L)'
_entity_poly.pdbx_seq_one_letter_code
;AVGACVLCNSQTSLRCGACIRRPFLCCKCCYDHVISTSHKLVLSVNPYVCNAPGCDVTDVTQLYLGGMSYYCKSHKPPIS
FPLCANGQVFGLYKNTCVGSDNVTDFNAIATCDWTNAGDYILANTCTERLKLFAAETLKATEETFKLSYGIATVREVLSD
RELHLSWEVGKPRPPLNRNYVFTGYRVTKNSKVQIGEYTFEKGDYGDAVVYRGTTTYKLNVGDYFVLTSHTVMPLSAPTL
VPQEHYVRITGLYPTLNISDEFSSNVANYQKVGMQKYSTLQGPPGTGKSHFAIGLALYYPSARIVYTACSHAAVDALCEK
ALKYLPIDKCSRIIPARARVECFDKFKVNSTLEQYVFCTVNALPETTADIVVFDEISMATNYDLSVVNARLRAKHYVYIG
DPAQLPAPRTLLTKGTLEPEYFNSVCRLMKTIGPDMFLGTCRRCPAEIVDTVSALVYDNKLKAHKDKSAQCFKMFYKGVI
THDVSSAINRPQIGVVREFLTRNPAWRKAVFISPYNSQNAVASKILGLPTQTVDSSQGSEYDYVIFTQTTETAHSCNVNR
FNVAITRAKVGILCIMSDRDLYDKLQFTSLEIPRRNVATLQ
;
_entity_poly.pdbx_strand_id   A,B
#
loop_
_chem_comp.id
_chem_comp.type
_chem_comp.name
_chem_comp.formula
PO4 non-polymer 'PHOSPHATE ION' 'O4 P -3'
VW7 non-polymer N-(8-methyl-1,2,3,4-tetrahydroquinolin-5-yl)acetamide 'C12 H16 N2 O'
ZN non-polymer 'ZINC ION' 'Zn 2'
#
# COMPACT_ATOMS: atom_id res chain seq x y z
N ALA A 1 -12.47 -19.90 -14.13
CA ALA A 1 -13.60 -20.53 -13.44
C ALA A 1 -13.25 -21.87 -12.77
N VAL A 2 -11.95 -22.15 -12.59
CA VAL A 2 -11.50 -23.39 -11.95
C VAL A 2 -11.00 -23.09 -10.54
N GLY A 3 -11.59 -23.75 -9.55
CA GLY A 3 -11.22 -23.52 -8.16
C GLY A 3 -11.54 -24.65 -7.21
N ALA A 4 -11.46 -24.37 -5.92
CA ALA A 4 -11.68 -25.36 -4.88
C ALA A 4 -12.94 -25.10 -4.04
N CYS A 5 -13.61 -26.20 -3.70
CA CYS A 5 -14.85 -26.22 -2.93
C CYS A 5 -14.63 -25.58 -1.57
N VAL A 6 -15.55 -24.70 -1.12
CA VAL A 6 -15.40 -24.10 0.20
C VAL A 6 -15.71 -25.11 1.30
N LEU A 7 -16.53 -26.15 1.05
CA LEU A 7 -16.87 -27.14 2.07
C LEU A 7 -15.93 -28.36 2.21
N CYS A 8 -15.46 -28.94 1.07
CA CYS A 8 -14.59 -30.12 1.16
C CYS A 8 -13.31 -30.03 0.28
N ASN A 9 -13.02 -28.84 -0.29
CA ASN A 9 -11.85 -28.51 -1.11
C ASN A 9 -11.79 -29.27 -2.45
N SER A 10 -12.76 -30.17 -2.73
CA SER A 10 -12.83 -30.91 -4.00
C SER A 10 -12.83 -29.95 -5.19
N GLN A 11 -12.07 -30.27 -6.24
CA GLN A 11 -11.98 -29.40 -7.39
C GLN A 11 -13.33 -29.33 -8.14
N THR A 12 -13.66 -28.14 -8.67
CA THR A 12 -14.88 -27.88 -9.46
C THR A 12 -14.78 -26.58 -10.27
N SER A 13 -15.70 -26.44 -11.24
CA SER A 13 -16.01 -25.27 -12.05
C SER A 13 -17.35 -24.62 -11.53
N LEU A 14 -18.12 -25.35 -10.66
CA LEU A 14 -19.41 -25.00 -10.06
C LEU A 14 -19.35 -23.95 -8.93
N ARG A 15 -19.55 -22.67 -9.23
CA ARG A 15 -19.65 -21.63 -8.19
C ARG A 15 -21.18 -21.44 -7.86
N CYS A 16 -21.50 -20.60 -6.83
CA CYS A 16 -22.89 -20.28 -6.54
C CYS A 16 -23.15 -18.81 -6.87
N GLY A 17 -24.00 -18.59 -7.85
CA GLY A 17 -24.34 -17.25 -8.28
C GLY A 17 -25.27 -16.56 -7.31
N ALA A 18 -25.99 -17.34 -6.45
CA ALA A 18 -26.90 -16.70 -5.50
C ALA A 18 -26.20 -16.18 -4.19
N CYS A 19 -25.03 -16.73 -3.87
CA CYS A 19 -24.18 -16.31 -2.75
C CYS A 19 -23.51 -15.01 -3.12
N ILE A 20 -23.51 -13.99 -2.23
CA ILE A 20 -22.90 -12.69 -2.54
C ILE A 20 -21.36 -12.75 -2.72
N ARG A 21 -20.72 -13.81 -2.21
CA ARG A 21 -19.27 -13.99 -2.40
C ARG A 21 -18.90 -14.96 -3.56
N ARG A 22 -19.89 -15.55 -4.29
CA ARG A 22 -19.70 -16.54 -5.40
C ARG A 22 -18.77 -17.73 -5.06
N PRO A 23 -19.03 -18.44 -3.92
CA PRO A 23 -18.16 -19.55 -3.55
C PRO A 23 -18.22 -20.77 -4.47
N PHE A 24 -17.05 -21.38 -4.69
CA PHE A 24 -16.93 -22.60 -5.46
C PHE A 24 -17.50 -23.74 -4.59
N LEU A 25 -18.40 -24.56 -5.17
CA LEU A 25 -19.04 -25.69 -4.49
C LEU A 25 -18.91 -26.93 -5.35
N CYS A 26 -18.40 -28.04 -4.80
CA CYS A 26 -18.27 -29.27 -5.58
C CYS A 26 -19.64 -29.87 -5.96
N CYS A 27 -19.68 -30.90 -6.83
CA CYS A 27 -20.94 -31.53 -7.26
C CYS A 27 -21.87 -31.94 -6.10
N LYS A 28 -21.33 -32.55 -5.02
CA LYS A 28 -22.18 -32.99 -3.90
C LYS A 28 -22.64 -31.82 -3.02
N CYS A 29 -21.73 -30.91 -2.73
CA CYS A 29 -22.00 -29.77 -1.87
C CYS A 29 -22.86 -28.67 -2.57
N CYS A 30 -22.72 -28.51 -3.90
CA CYS A 30 -23.54 -27.62 -4.69
C CYS A 30 -25.00 -28.11 -4.65
N TYR A 31 -25.18 -29.44 -4.79
CA TYR A 31 -26.49 -30.06 -4.72
C TYR A 31 -27.12 -29.84 -3.35
N ASP A 32 -26.40 -30.18 -2.27
CA ASP A 32 -26.93 -30.05 -0.92
C ASP A 32 -27.24 -28.57 -0.55
N HIS A 33 -26.63 -27.60 -1.27
CA HIS A 33 -26.90 -26.18 -1.12
C HIS A 33 -28.19 -25.75 -1.89
N VAL A 34 -28.29 -26.08 -3.19
CA VAL A 34 -29.43 -25.69 -4.01
C VAL A 34 -30.74 -26.34 -3.58
N ILE A 35 -30.70 -27.60 -3.11
CA ILE A 35 -31.87 -28.38 -2.71
C ILE A 35 -32.39 -28.06 -1.28
N SER A 36 -31.61 -27.30 -0.49
CA SER A 36 -32.01 -26.95 0.87
C SER A 36 -32.20 -25.44 1.08
N THR A 37 -31.80 -24.59 0.11
CA THR A 37 -31.92 -23.13 0.23
C THR A 37 -32.71 -22.50 -0.96
N SER A 38 -32.99 -21.18 -0.92
CA SER A 38 -33.55 -20.42 -2.03
C SER A 38 -32.49 -20.19 -3.15
N HIS A 39 -31.22 -20.60 -2.92
CA HIS A 39 -30.15 -20.40 -3.89
C HIS A 39 -30.25 -21.47 -4.97
N LYS A 40 -30.67 -21.08 -6.18
CA LYS A 40 -30.83 -22.04 -7.28
C LYS A 40 -29.95 -21.71 -8.49
N LEU A 41 -29.31 -20.52 -8.54
CA LEU A 41 -28.45 -20.19 -9.67
C LEU A 41 -27.04 -20.77 -9.45
N VAL A 42 -26.59 -21.65 -10.36
CA VAL A 42 -25.27 -22.29 -10.32
C VAL A 42 -24.39 -21.67 -11.45
N LEU A 43 -23.13 -21.31 -11.16
CA LEU A 43 -22.23 -20.72 -12.18
C LEU A 43 -21.11 -21.71 -12.57
N SER A 44 -20.48 -21.45 -13.75
CA SER A 44 -19.38 -22.21 -14.40
C SER A 44 -18.76 -21.22 -15.47
N VAL A 45 -18.13 -21.68 -16.58
CA VAL A 45 -17.63 -20.76 -17.64
C VAL A 45 -18.85 -19.95 -18.19
N ASN A 46 -19.94 -20.69 -18.42
CA ASN A 46 -21.26 -20.24 -18.85
C ASN A 46 -22.26 -20.63 -17.73
N PRO A 47 -23.23 -19.75 -17.40
CA PRO A 47 -24.16 -20.08 -16.31
C PRO A 47 -25.12 -21.22 -16.63
N TYR A 48 -25.67 -21.83 -15.58
CA TYR A 48 -26.66 -22.88 -15.76
C TYR A 48 -27.99 -22.20 -15.84
N VAL A 49 -28.31 -21.81 -17.08
CA VAL A 49 -29.53 -21.12 -17.48
C VAL A 49 -30.05 -21.80 -18.76
N CYS A 50 -31.38 -21.73 -19.00
CA CYS A 50 -31.93 -22.31 -20.21
C CYS A 50 -31.45 -21.55 -21.42
N ASN A 51 -30.76 -22.30 -22.31
CA ASN A 51 -30.15 -21.79 -23.53
C ASN A 51 -31.18 -21.43 -24.60
N ALA A 52 -32.46 -21.85 -24.45
CA ALA A 52 -33.50 -21.55 -25.42
C ALA A 52 -33.74 -20.04 -25.47
N PRO A 53 -33.97 -19.45 -26.66
CA PRO A 53 -34.15 -17.99 -26.73
C PRO A 53 -35.32 -17.42 -25.92
N GLY A 54 -35.04 -16.38 -25.12
CA GLY A 54 -36.05 -15.72 -24.31
C GLY A 54 -36.57 -16.48 -23.10
N CYS A 55 -35.87 -17.56 -22.72
CA CYS A 55 -36.28 -18.35 -21.57
C CYS A 55 -35.61 -17.86 -20.30
N ASP A 56 -36.40 -17.69 -19.23
CA ASP A 56 -35.86 -17.20 -17.96
C ASP A 56 -35.71 -18.30 -16.88
N VAL A 57 -35.57 -19.59 -17.28
CA VAL A 57 -35.35 -20.65 -16.30
C VAL A 57 -33.87 -20.70 -15.91
N THR A 58 -33.55 -20.24 -14.65
CA THR A 58 -32.20 -20.20 -14.08
C THR A 58 -31.99 -21.20 -12.92
N ASP A 59 -33.10 -21.79 -12.43
CA ASP A 59 -33.13 -22.76 -11.34
C ASP A 59 -32.55 -24.08 -11.85
N VAL A 60 -31.40 -24.50 -11.27
CA VAL A 60 -30.63 -25.71 -11.60
C VAL A 60 -31.46 -27.03 -11.44
N THR A 61 -32.44 -27.04 -10.52
CA THR A 61 -33.32 -28.19 -10.28
C THR A 61 -34.36 -28.42 -11.40
N GLN A 62 -34.66 -27.33 -12.15
CA GLN A 62 -35.55 -27.27 -13.29
C GLN A 62 -34.78 -27.32 -14.63
N LEU A 63 -33.45 -27.57 -14.62
CA LEU A 63 -32.63 -27.59 -15.82
C LEU A 63 -32.00 -28.97 -16.10
N TYR A 64 -31.66 -29.20 -17.38
CA TYR A 64 -31.12 -30.44 -17.93
C TYR A 64 -29.99 -30.14 -18.94
N LEU A 65 -29.09 -31.12 -19.16
CA LEU A 65 -28.04 -31.04 -20.17
C LEU A 65 -28.57 -31.76 -21.47
N GLY A 66 -28.77 -31.00 -22.54
CA GLY A 66 -29.23 -31.50 -23.84
C GLY A 66 -28.12 -31.38 -24.87
N GLY A 67 -27.23 -32.35 -24.86
CA GLY A 67 -26.05 -32.38 -25.72
C GLY A 67 -24.87 -31.73 -25.00
N MET A 68 -24.68 -30.44 -25.26
CA MET A 68 -23.65 -29.66 -24.58
C MET A 68 -24.23 -28.40 -23.92
N SER A 69 -25.47 -28.00 -24.29
CA SER A 69 -26.18 -26.84 -23.74
C SER A 69 -27.17 -27.25 -22.64
N TYR A 70 -27.73 -26.26 -21.95
CA TYR A 70 -28.67 -26.51 -20.86
C TYR A 70 -30.03 -25.98 -21.24
N TYR A 71 -31.07 -26.72 -20.87
CA TYR A 71 -32.46 -26.34 -21.16
C TYR A 71 -33.37 -26.71 -20.00
N CYS A 72 -34.51 -26.04 -19.87
CA CYS A 72 -35.50 -26.40 -18.83
C CYS A 72 -36.35 -27.64 -19.29
N LYS A 73 -37.38 -28.04 -18.51
CA LYS A 73 -38.26 -29.15 -18.86
C LYS A 73 -39.07 -28.87 -20.15
N SER A 74 -39.38 -27.56 -20.43
CA SER A 74 -40.15 -27.10 -21.59
C SER A 74 -39.35 -26.98 -22.89
N HIS A 75 -38.00 -26.98 -22.82
CA HIS A 75 -37.17 -26.79 -24.00
C HIS A 75 -36.14 -27.90 -24.23
N LYS A 76 -36.01 -28.86 -23.31
CA LYS A 76 -35.01 -29.91 -23.44
C LYS A 76 -35.29 -30.91 -24.58
N PRO A 77 -34.21 -31.38 -25.27
CA PRO A 77 -34.40 -32.41 -26.31
C PRO A 77 -34.68 -33.79 -25.69
N PRO A 78 -35.19 -34.78 -26.45
CA PRO A 78 -35.47 -36.11 -25.86
C PRO A 78 -34.30 -36.73 -25.06
N ILE A 79 -33.08 -36.64 -25.59
CA ILE A 79 -31.91 -37.20 -24.91
C ILE A 79 -31.24 -36.10 -24.07
N SER A 80 -31.73 -35.98 -22.82
CA SER A 80 -31.26 -34.98 -21.86
C SER A 80 -31.31 -35.50 -20.42
N PHE A 81 -30.21 -35.25 -19.71
CA PHE A 81 -29.92 -35.64 -18.34
C PHE A 81 -30.25 -34.48 -17.37
N PRO A 82 -31.02 -34.65 -16.25
CA PRO A 82 -31.18 -33.52 -15.31
C PRO A 82 -29.86 -33.10 -14.65
N LEU A 83 -29.70 -31.78 -14.48
CA LEU A 83 -28.51 -31.25 -13.86
C LEU A 83 -28.44 -31.70 -12.37
N CYS A 84 -29.60 -31.79 -11.71
CA CYS A 84 -29.66 -32.23 -10.32
C CYS A 84 -30.17 -33.65 -10.20
N ALA A 85 -29.31 -34.58 -9.80
CA ALA A 85 -29.70 -35.97 -9.59
C ALA A 85 -28.65 -36.72 -8.79
N ASN A 86 -29.09 -37.76 -8.04
CA ASN A 86 -28.23 -38.63 -7.22
C ASN A 86 -27.34 -37.88 -6.22
N GLY A 87 -27.85 -36.78 -5.68
CA GLY A 87 -27.13 -35.97 -4.71
C GLY A 87 -26.02 -35.12 -5.30
N GLN A 88 -26.04 -34.92 -6.63
CA GLN A 88 -25.02 -34.13 -7.31
C GLN A 88 -25.59 -33.15 -8.34
N VAL A 89 -24.81 -32.10 -8.65
CA VAL A 89 -25.08 -31.11 -9.69
C VAL A 89 -24.02 -31.37 -10.76
N PHE A 90 -24.44 -31.54 -12.02
CA PHE A 90 -23.52 -31.84 -13.12
C PHE A 90 -22.44 -30.79 -13.28
N GLY A 91 -21.21 -31.23 -13.29
CA GLY A 91 -20.05 -30.35 -13.46
C GLY A 91 -18.77 -31.13 -13.64
N LEU A 92 -17.68 -30.44 -13.96
CA LEU A 92 -16.38 -31.09 -14.15
C LEU A 92 -15.86 -31.69 -12.83
N TYR A 93 -15.02 -32.74 -12.94
CA TYR A 93 -14.36 -33.40 -11.80
C TYR A 93 -15.36 -34.04 -10.81
N LYS A 94 -16.49 -34.57 -11.33
CA LYS A 94 -17.55 -35.21 -10.52
C LYS A 94 -17.11 -36.52 -9.85
N VAL A 103 -22.69 -29.13 5.49
CA VAL A 103 -23.26 -28.21 4.51
C VAL A 103 -24.44 -27.41 5.09
N THR A 104 -25.12 -27.94 6.14
CA THR A 104 -26.17 -27.22 6.91
C THR A 104 -25.64 -25.86 7.45
N ASP A 105 -24.38 -25.85 7.91
CA ASP A 105 -23.73 -24.65 8.43
C ASP A 105 -23.40 -23.67 7.27
N PHE A 106 -22.94 -24.21 6.14
CA PHE A 106 -22.65 -23.39 4.95
C PHE A 106 -23.92 -22.69 4.48
N ASN A 107 -25.05 -23.41 4.48
CA ASN A 107 -26.33 -22.87 4.03
C ASN A 107 -26.76 -21.68 4.87
N ALA A 108 -26.65 -21.83 6.19
CA ALA A 108 -27.02 -20.80 7.13
C ALA A 108 -26.15 -19.55 6.99
N ILE A 109 -24.83 -19.71 6.77
CA ILE A 109 -23.92 -18.58 6.56
C ILE A 109 -24.23 -17.86 5.23
N ALA A 110 -24.45 -18.66 4.17
CA ALA A 110 -24.75 -18.19 2.82
C ALA A 110 -26.04 -17.39 2.73
N THR A 111 -27.07 -17.75 3.53
CA THR A 111 -28.39 -17.12 3.46
C THR A 111 -28.82 -16.16 4.61
N CYS A 112 -28.04 -16.09 5.70
CA CYS A 112 -28.42 -15.20 6.81
C CYS A 112 -28.23 -13.69 6.49
N ASP A 113 -28.98 -12.83 7.19
CA ASP A 113 -28.86 -11.39 7.00
C ASP A 113 -27.86 -10.71 8.02
N TRP A 114 -27.25 -11.51 8.94
CA TRP A 114 -26.26 -11.08 9.95
C TRP A 114 -26.83 -10.13 11.00
N THR A 115 -28.16 -10.12 11.19
CA THR A 115 -28.79 -9.27 12.19
C THR A 115 -29.00 -10.01 13.54
N ASN A 116 -28.80 -11.34 13.57
CA ASN A 116 -28.98 -12.17 14.74
C ASN A 116 -27.65 -12.60 15.30
N ALA A 117 -27.57 -12.76 16.63
CA ALA A 117 -26.35 -13.22 17.30
C ALA A 117 -25.97 -14.64 16.85
N GLY A 118 -26.98 -15.49 16.66
CA GLY A 118 -26.84 -16.87 16.20
C GLY A 118 -26.04 -17.03 14.90
N ASP A 119 -26.04 -15.97 14.05
CA ASP A 119 -25.29 -15.91 12.79
C ASP A 119 -23.77 -15.80 13.08
N TYR A 120 -23.41 -15.01 14.10
CA TYR A 120 -22.03 -14.82 14.53
C TYR A 120 -21.54 -16.03 15.30
N ILE A 121 -22.44 -16.70 16.05
CA ILE A 121 -22.13 -17.91 16.79
C ILE A 121 -21.67 -18.98 15.82
N LEU A 122 -22.50 -19.22 14.78
CA LEU A 122 -22.20 -20.15 13.72
C LEU A 122 -20.92 -19.79 12.98
N ALA A 123 -20.72 -18.50 12.61
CA ALA A 123 -19.50 -18.04 11.91
C ALA A 123 -18.18 -18.26 12.67
N ASN A 124 -18.29 -18.60 13.95
CA ASN A 124 -17.13 -18.82 14.80
C ASN A 124 -17.02 -20.25 15.30
N THR A 125 -18.11 -21.03 15.24
CA THR A 125 -18.09 -22.45 15.62
C THR A 125 -17.93 -23.40 14.42
N CYS A 126 -18.02 -22.86 13.19
CA CYS A 126 -17.92 -23.66 11.98
C CYS A 126 -16.45 -24.07 11.64
N THR A 127 -16.23 -24.85 10.58
CA THR A 127 -14.88 -25.23 10.14
C THR A 127 -14.08 -23.99 9.72
N GLU A 128 -12.76 -24.12 9.59
CA GLU A 128 -11.90 -23.00 9.25
C GLU A 128 -12.21 -22.36 7.89
N ARG A 129 -12.47 -23.16 6.84
CA ARG A 129 -12.81 -22.57 5.55
C ARG A 129 -14.16 -21.84 5.63
N LEU A 130 -15.11 -22.36 6.44
CA LEU A 130 -16.40 -21.70 6.63
C LEU A 130 -16.28 -20.41 7.45
N LYS A 131 -15.25 -20.31 8.31
CA LYS A 131 -15.02 -19.10 9.09
C LYS A 131 -14.61 -17.98 8.10
N LEU A 132 -13.78 -18.30 7.07
CA LEU A 132 -13.36 -17.28 6.10
C LEU A 132 -14.49 -16.86 5.18
N PHE A 133 -15.35 -17.84 4.81
CA PHE A 133 -16.52 -17.61 3.97
C PHE A 133 -17.50 -16.73 4.76
N ALA A 134 -17.74 -17.05 6.05
CA ALA A 134 -18.59 -16.21 6.90
C ALA A 134 -18.00 -14.80 7.06
N ALA A 135 -16.67 -14.67 7.24
CA ALA A 135 -16.03 -13.36 7.42
C ALA A 135 -16.12 -12.46 6.18
N GLU A 136 -15.89 -13.03 5.00
CA GLU A 136 -15.92 -12.37 3.69
C GLU A 136 -17.38 -11.92 3.40
N THR A 137 -18.35 -12.85 3.65
CA THR A 137 -19.79 -12.66 3.43
C THR A 137 -20.33 -11.56 4.33
N LEU A 138 -19.99 -11.63 5.64
CA LEU A 138 -20.40 -10.65 6.64
C LEU A 138 -19.88 -9.28 6.27
N LYS A 139 -18.58 -9.17 5.97
CA LYS A 139 -18.00 -7.88 5.64
C LYS A 139 -18.61 -7.27 4.38
N ALA A 140 -18.88 -8.11 3.36
CA ALA A 140 -19.51 -7.63 2.13
C ALA A 140 -20.93 -7.18 2.42
N THR A 141 -21.67 -7.92 3.26
CA THR A 141 -23.03 -7.57 3.69
C THR A 141 -23.06 -6.22 4.45
N GLU A 142 -22.06 -6.00 5.34
CA GLU A 142 -21.91 -4.75 6.10
C GLU A 142 -21.64 -3.57 5.15
N GLU A 143 -20.85 -3.80 4.08
CA GLU A 143 -20.50 -2.77 3.09
C GLU A 143 -21.69 -2.41 2.18
N THR A 144 -22.44 -3.43 1.69
CA THR A 144 -23.65 -3.18 0.89
C THR A 144 -24.74 -2.46 1.72
N PHE A 145 -24.70 -2.60 3.07
CA PHE A 145 -25.63 -1.92 3.96
C PHE A 145 -25.33 -0.43 4.07
N LYS A 146 -24.05 -0.04 3.87
CA LYS A 146 -23.63 1.37 3.92
C LYS A 146 -24.31 2.21 2.83
N LEU A 147 -24.73 1.59 1.72
CA LEU A 147 -25.43 2.26 0.62
C LEU A 147 -26.83 2.73 1.03
N SER A 148 -27.46 2.04 2.02
CA SER A 148 -28.82 2.32 2.51
C SER A 148 -29.01 3.71 3.16
N TYR A 149 -28.01 4.24 3.87
CA TYR A 149 -28.15 5.54 4.55
C TYR A 149 -28.32 6.74 3.58
N GLY A 150 -28.76 7.89 4.10
CA GLY A 150 -29.00 9.11 3.32
C GLY A 150 -27.92 10.18 3.39
N ILE A 151 -27.65 10.83 2.24
CA ILE A 151 -26.63 11.87 2.08
C ILE A 151 -26.91 13.12 2.94
N ALA A 152 -25.87 13.70 3.56
CA ALA A 152 -25.98 14.91 4.36
C ALA A 152 -25.33 16.05 3.59
N THR A 153 -26.07 17.13 3.33
CA THR A 153 -25.55 18.24 2.55
C THR A 153 -25.41 19.45 3.47
N VAL A 154 -24.27 20.18 3.34
CA VAL A 154 -24.03 21.37 4.15
C VAL A 154 -25.03 22.45 3.74
N ARG A 155 -25.93 22.81 4.65
CA ARG A 155 -26.91 23.84 4.41
C ARG A 155 -26.34 25.20 4.90
N GLU A 156 -25.66 25.22 6.09
CA GLU A 156 -25.03 26.43 6.63
C GLU A 156 -23.80 26.14 7.56
N VAL A 157 -22.83 27.06 7.59
CA VAL A 157 -21.61 26.93 8.40
C VAL A 157 -21.69 27.98 9.52
N LEU A 158 -21.63 27.55 10.79
CA LEU A 158 -21.70 28.47 11.92
C LEU A 158 -20.31 29.01 12.32
N SER A 159 -19.42 28.11 12.75
CA SER A 159 -18.06 28.42 13.17
C SER A 159 -17.06 27.37 12.59
N ASP A 160 -15.80 27.32 13.08
CA ASP A 160 -14.78 26.37 12.63
C ASP A 160 -15.00 24.93 13.11
N ARG A 161 -15.97 24.72 14.03
CA ARG A 161 -16.29 23.39 14.58
C ARG A 161 -17.79 23.16 14.76
N GLU A 162 -18.66 23.96 14.12
CA GLU A 162 -20.12 23.77 14.22
C GLU A 162 -20.84 24.09 12.89
N LEU A 163 -21.79 23.23 12.48
CA LEU A 163 -22.54 23.46 11.24
C LEU A 163 -23.99 22.92 11.29
N HIS A 164 -24.80 23.15 10.23
CA HIS A 164 -26.18 22.64 10.11
C HIS A 164 -26.30 21.77 8.84
N LEU A 165 -27.05 20.65 8.90
CA LEU A 165 -27.15 19.72 7.77
C LEU A 165 -28.56 19.51 7.20
N SER A 166 -28.62 19.21 5.89
CA SER A 166 -29.84 18.90 5.12
C SER A 166 -29.76 17.40 4.74
N TRP A 167 -30.70 16.58 5.23
CA TRP A 167 -30.65 15.13 4.99
C TRP A 167 -31.51 14.64 3.84
N GLU A 168 -31.05 13.56 3.17
CA GLU A 168 -31.76 12.95 2.05
C GLU A 168 -33.03 12.25 2.54
N VAL A 169 -34.18 12.61 1.95
CA VAL A 169 -35.46 12.02 2.32
C VAL A 169 -35.60 10.61 1.72
N GLY A 170 -36.28 9.72 2.44
CA GLY A 170 -36.49 8.36 1.98
C GLY A 170 -35.44 7.36 2.43
N LYS A 171 -34.22 7.85 2.74
CA LYS A 171 -33.14 6.99 3.20
C LYS A 171 -32.89 7.28 4.68
N PRO A 172 -32.74 6.22 5.51
CA PRO A 172 -32.53 6.46 6.94
C PRO A 172 -31.27 7.25 7.26
N ARG A 173 -31.26 7.87 8.46
CA ARG A 173 -30.15 8.70 8.93
C ARG A 173 -29.27 7.89 9.88
N PRO A 174 -27.95 7.91 9.67
CA PRO A 174 -27.06 7.14 10.56
C PRO A 174 -26.78 7.84 11.88
N PRO A 175 -26.48 7.09 12.95
CA PRO A 175 -26.19 7.75 14.25
C PRO A 175 -24.90 8.60 14.20
N LEU A 176 -24.99 9.89 14.59
CA LEU A 176 -23.84 10.79 14.56
C LEU A 176 -22.90 10.64 15.75
N ASN A 177 -21.90 9.79 15.58
CA ASN A 177 -20.86 9.52 16.57
C ASN A 177 -19.50 9.32 15.87
N ARG A 178 -18.39 9.28 16.63
CA ARG A 178 -17.07 9.06 16.02
C ARG A 178 -16.89 7.63 15.43
N ASN A 179 -17.89 6.72 15.65
CA ASN A 179 -17.92 5.35 15.15
C ASN A 179 -18.08 5.34 13.63
N TYR A 180 -18.89 6.27 13.10
CA TYR A 180 -19.20 6.40 11.66
C TYR A 180 -18.34 7.53 11.04
N VAL A 181 -17.33 7.18 10.20
CA VAL A 181 -16.49 8.21 9.56
C VAL A 181 -16.93 8.47 8.12
N PHE A 182 -17.48 9.66 7.89
CA PHE A 182 -17.94 10.08 6.58
C PHE A 182 -16.81 10.44 5.63
N THR A 183 -17.15 10.58 4.36
CA THR A 183 -16.21 10.99 3.33
C THR A 183 -16.82 12.23 2.67
N GLY A 184 -16.13 13.35 2.75
CA GLY A 184 -16.63 14.61 2.22
C GLY A 184 -16.28 14.84 0.77
N TYR A 185 -17.15 15.55 0.03
CA TYR A 185 -16.98 15.84 -1.39
C TYR A 185 -17.37 17.28 -1.72
N GLN A 194 -13.41 14.78 -2.99
CA GLN A 194 -12.85 13.83 -2.03
C GLN A 194 -12.07 14.62 -0.98
N ILE A 195 -12.72 15.67 -0.43
CA ILE A 195 -12.14 16.63 0.50
C ILE A 195 -12.00 16.12 1.97
N GLY A 196 -11.32 14.98 2.12
CA GLY A 196 -10.98 14.38 3.40
C GLY A 196 -12.11 13.81 4.22
N GLU A 197 -11.78 12.82 5.07
CA GLU A 197 -12.75 12.19 5.96
C GLU A 197 -13.28 13.21 7.00
N TYR A 198 -14.50 13.01 7.48
CA TYR A 198 -15.11 13.93 8.43
C TYR A 198 -15.94 13.17 9.48
N THR A 199 -16.00 13.67 10.72
CA THR A 199 -16.81 13.06 11.78
C THR A 199 -17.80 14.10 12.41
N PHE A 200 -18.91 13.65 13.06
CA PHE A 200 -19.91 14.55 13.66
C PHE A 200 -20.38 14.16 15.08
N GLU A 201 -20.78 15.14 15.91
CA GLU A 201 -21.27 14.90 17.27
C GLU A 201 -22.42 15.87 17.62
N LYS A 202 -23.57 15.32 18.05
CA LYS A 202 -24.74 16.12 18.44
C LYS A 202 -24.52 16.86 19.76
N ASP A 207 -30.83 21.88 16.56
CA ASP A 207 -30.26 21.43 15.28
C ASP A 207 -28.75 21.71 15.14
N ALA A 208 -28.09 22.28 16.17
CA ALA A 208 -26.65 22.60 16.12
C ALA A 208 -25.71 21.40 16.37
N VAL A 209 -24.98 20.97 15.32
CA VAL A 209 -24.06 19.82 15.37
C VAL A 209 -22.56 20.24 15.29
N VAL A 210 -21.68 19.41 15.87
CA VAL A 210 -20.24 19.67 15.90
C VAL A 210 -19.51 18.92 14.74
N TYR A 211 -18.73 19.64 13.88
CA TYR A 211 -18.04 19.03 12.73
C TYR A 211 -16.52 18.87 12.95
N ARG A 212 -15.98 17.66 12.66
CA ARG A 212 -14.56 17.36 12.86
C ARG A 212 -13.90 16.70 11.65
N GLY A 213 -13.43 17.54 10.73
CA GLY A 213 -12.76 17.05 9.54
C GLY A 213 -11.34 16.62 9.76
N THR A 214 -11.01 15.42 9.29
CA THR A 214 -9.65 14.86 9.35
C THR A 214 -8.63 15.77 8.61
N THR A 215 -9.12 16.62 7.67
CA THR A 215 -8.32 17.60 6.95
C THR A 215 -8.94 18.98 7.23
N THR A 216 -8.14 19.99 7.65
CA THR A 216 -8.68 21.32 7.92
C THR A 216 -9.09 22.01 6.64
N TYR A 217 -10.39 22.04 6.39
CA TYR A 217 -10.92 22.63 5.17
C TYR A 217 -12.13 23.48 5.48
N LYS A 218 -12.20 24.66 4.82
CA LYS A 218 -13.30 25.61 4.97
C LYS A 218 -14.59 25.00 4.45
N LEU A 219 -15.39 24.36 5.35
CA LEU A 219 -16.65 23.68 5.03
C LEU A 219 -17.53 24.42 4.01
N ASN A 220 -17.66 23.86 2.79
CA ASN A 220 -18.43 24.47 1.72
C ASN A 220 -19.91 24.09 1.80
N VAL A 221 -20.82 25.10 1.73
CA VAL A 221 -22.27 24.89 1.67
C VAL A 221 -22.59 24.28 0.27
N GLY A 222 -23.33 23.18 0.25
CA GLY A 222 -23.68 22.50 -1.00
C GLY A 222 -22.90 21.22 -1.20
N ASP A 223 -21.66 21.18 -0.68
CA ASP A 223 -20.83 19.98 -0.77
C ASP A 223 -21.46 18.89 0.11
N TYR A 224 -21.40 17.63 -0.37
CA TYR A 224 -22.05 16.52 0.32
C TYR A 224 -21.09 15.51 0.98
N PHE A 225 -21.59 14.80 2.01
CA PHE A 225 -20.83 13.74 2.70
C PHE A 225 -21.50 12.38 2.40
N VAL A 226 -20.71 11.31 2.29
CA VAL A 226 -21.20 9.95 2.02
C VAL A 226 -20.33 8.92 2.80
N LEU A 227 -20.93 7.83 3.33
CA LEU A 227 -20.17 6.82 4.07
C LEU A 227 -19.25 5.97 3.20
N THR A 228 -17.99 5.82 3.63
CA THR A 228 -16.95 5.07 2.92
C THR A 228 -17.26 3.58 2.76
N SER A 229 -17.84 3.21 1.61
CA SER A 229 -18.13 1.82 1.33
C SER A 229 -16.93 1.24 0.59
N HIS A 230 -16.18 0.31 1.21
CA HIS A 230 -15.00 -0.27 0.56
C HIS A 230 -15.26 -1.69 0.06
N THR A 231 -14.58 -2.06 -1.04
CA THR A 231 -14.64 -3.37 -1.69
C THR A 231 -14.03 -4.38 -0.74
N VAL A 232 -14.74 -5.49 -0.46
CA VAL A 232 -14.27 -6.54 0.43
C VAL A 232 -13.43 -7.51 -0.36
N MET A 233 -12.14 -7.58 -0.04
CA MET A 233 -11.23 -8.48 -0.71
C MET A 233 -11.44 -9.90 -0.22
N PRO A 234 -11.16 -10.90 -1.06
CA PRO A 234 -11.29 -12.29 -0.61
C PRO A 234 -10.23 -12.67 0.44
N LEU A 235 -10.56 -13.63 1.30
CA LEU A 235 -9.69 -14.13 2.33
C LEU A 235 -9.07 -15.43 1.84
N SER A 236 -7.77 -15.62 2.08
CA SER A 236 -7.02 -16.82 1.67
C SER A 236 -6.47 -17.57 2.87
N ALA A 237 -5.82 -16.81 3.79
CA ALA A 237 -5.19 -17.34 4.99
C ALA A 237 -6.21 -17.67 6.10
N PRO A 238 -5.96 -18.73 6.91
CA PRO A 238 -6.88 -19.03 8.02
C PRO A 238 -6.87 -17.92 9.09
N THR A 239 -7.86 -17.93 10.01
CA THR A 239 -7.89 -16.96 11.13
C THR A 239 -6.73 -17.24 12.09
N LEU A 240 -6.42 -18.53 12.28
CA LEU A 240 -5.31 -19.05 13.07
C LEU A 240 -4.57 -20.04 12.21
N VAL A 241 -3.25 -19.91 12.11
CA VAL A 241 -2.46 -20.91 11.39
C VAL A 241 -2.54 -22.26 12.19
N PRO A 242 -2.21 -23.43 11.61
CA PRO A 242 -2.27 -24.68 12.40
C PRO A 242 -1.25 -24.58 13.54
N GLN A 243 -1.67 -24.99 14.75
CA GLN A 243 -0.80 -24.94 15.92
C GLN A 243 0.37 -25.92 15.80
N GLU A 244 1.56 -25.49 16.24
CA GLU A 244 2.74 -26.32 16.28
C GLU A 244 3.37 -26.19 17.65
N HIS A 245 3.69 -27.30 18.31
CA HIS A 245 4.37 -27.25 19.58
C HIS A 245 5.78 -27.76 19.36
N TYR A 246 6.75 -27.07 19.93
CA TYR A 246 8.15 -27.43 19.78
C TYR A 246 8.75 -27.84 21.13
N VAL A 247 9.82 -28.63 21.06
CA VAL A 247 10.56 -29.13 22.23
C VAL A 247 11.61 -28.13 22.72
N ARG A 248 12.04 -27.22 21.83
CA ARG A 248 12.98 -26.15 22.08
C ARG A 248 12.42 -24.86 21.51
N ILE A 249 12.95 -23.70 21.99
CA ILE A 249 12.63 -22.37 21.46
C ILE A 249 13.18 -22.36 20.04
N THR A 250 12.30 -22.08 19.08
CA THR A 250 12.60 -22.19 17.67
C THR A 250 12.73 -20.86 16.95
N GLY A 251 13.84 -20.66 16.23
CA GLY A 251 14.09 -19.46 15.45
C GLY A 251 14.31 -18.16 16.22
N LEU A 252 14.35 -18.28 17.55
CA LEU A 252 14.52 -17.14 18.44
C LEU A 252 15.70 -17.40 19.37
N TYR A 253 16.48 -16.35 19.65
CA TYR A 253 17.66 -16.49 20.48
C TYR A 253 17.52 -15.66 21.77
N PRO A 254 17.22 -16.34 22.90
CA PRO A 254 16.98 -15.60 24.15
C PRO A 254 18.23 -14.95 24.78
N THR A 255 18.03 -13.99 25.71
CA THR A 255 19.17 -13.41 26.44
C THR A 255 19.27 -14.08 27.81
N LEU A 256 20.48 -14.18 28.30
CA LEU A 256 20.73 -14.62 29.67
C LEU A 256 20.92 -13.38 30.61
N ASN A 257 20.72 -12.17 30.05
CA ASN A 257 20.84 -10.89 30.70
C ASN A 257 19.49 -10.19 30.48
N ILE A 258 18.41 -10.81 30.97
CA ILE A 258 17.09 -10.21 30.84
C ILE A 258 16.79 -9.32 32.05
N SER A 259 16.57 -8.00 31.82
CA SER A 259 16.27 -6.99 32.84
C SER A 259 15.25 -7.47 33.88
N ASP A 260 15.54 -7.29 35.19
CA ASP A 260 14.70 -7.71 36.31
C ASP A 260 13.23 -7.31 36.16
N GLU A 261 13.00 -6.15 35.51
CA GLU A 261 11.72 -5.55 35.17
C GLU A 261 10.80 -6.56 34.44
N PHE A 262 11.40 -7.39 33.57
CA PHE A 262 10.78 -8.39 32.70
C PHE A 262 10.94 -9.83 33.12
N SER A 263 11.63 -10.09 34.24
CA SER A 263 11.86 -11.43 34.76
C SER A 263 10.58 -12.20 35.06
N SER A 264 9.49 -11.52 35.43
CA SER A 264 8.21 -12.20 35.71
C SER A 264 7.62 -12.89 34.48
N ASN A 265 8.00 -12.43 33.28
CA ASN A 265 7.50 -12.96 32.03
C ASN A 265 8.44 -13.91 31.32
N VAL A 266 9.62 -14.22 31.88
CA VAL A 266 10.59 -15.12 31.22
C VAL A 266 9.97 -16.47 30.83
N ALA A 267 9.24 -17.16 31.76
CA ALA A 267 8.63 -18.46 31.43
C ALA A 267 7.61 -18.34 30.29
N ASN A 268 6.86 -17.23 30.27
CA ASN A 268 5.88 -16.99 29.21
C ASN A 268 6.56 -16.66 27.87
N TYR A 269 7.67 -15.90 27.89
CA TYR A 269 8.45 -15.59 26.67
C TYR A 269 9.01 -16.88 26.09
N GLN A 270 9.42 -17.83 26.94
CA GLN A 270 9.93 -19.12 26.51
C GLN A 270 8.80 -19.94 25.90
N LYS A 271 7.58 -19.88 26.48
CA LYS A 271 6.39 -20.55 25.95
C LYS A 271 6.11 -20.02 24.53
N VAL A 272 6.23 -18.69 24.33
CA VAL A 272 6.09 -18.01 23.03
C VAL A 272 7.03 -18.63 21.94
N GLY A 273 8.31 -18.89 22.29
CA GLY A 273 9.27 -19.48 21.35
C GLY A 273 9.11 -20.98 21.14
N MET A 274 8.29 -21.63 21.97
CA MET A 274 8.07 -23.07 21.90
C MET A 274 6.72 -23.51 21.32
N GLN A 275 5.99 -22.58 20.72
CA GLN A 275 4.70 -22.79 20.08
C GLN A 275 4.64 -21.89 18.81
N LYS A 276 3.87 -22.28 17.79
CA LYS A 276 3.69 -21.45 16.60
C LYS A 276 2.93 -20.16 17.01
N TYR A 277 1.83 -20.32 17.75
CA TYR A 277 1.07 -19.18 18.22
C TYR A 277 0.72 -19.35 19.69
N SER A 278 0.55 -18.23 20.37
CA SER A 278 0.17 -18.24 21.78
C SER A 278 -0.81 -17.15 22.10
N THR A 279 -1.71 -17.43 23.05
CA THR A 279 -2.70 -16.47 23.50
C THR A 279 -2.39 -15.97 24.93
N LEU A 280 -2.50 -14.66 25.11
CA LEU A 280 -2.28 -14.06 26.41
C LEU A 280 -3.53 -13.29 26.84
N GLN A 281 -4.21 -13.75 27.90
CA GLN A 281 -5.31 -13.01 28.46
C GLN A 281 -4.74 -12.09 29.55
N GLY A 282 -4.83 -10.81 29.28
CA GLY A 282 -4.38 -9.80 30.20
C GLY A 282 -5.49 -8.87 30.63
N PRO A 283 -6.10 -9.12 31.82
CA PRO A 283 -7.10 -8.17 32.35
C PRO A 283 -6.58 -6.72 32.42
N PRO A 284 -7.43 -5.71 32.68
CA PRO A 284 -6.93 -4.32 32.71
C PRO A 284 -5.79 -4.11 33.69
N GLY A 285 -4.74 -3.44 33.21
CA GLY A 285 -3.58 -3.05 34.02
C GLY A 285 -2.72 -4.16 34.56
N THR A 286 -2.74 -5.32 33.90
CA THR A 286 -1.96 -6.50 34.29
C THR A 286 -0.59 -6.60 33.59
N GLY A 287 -0.30 -5.70 32.66
CA GLY A 287 0.99 -5.67 32.00
C GLY A 287 1.06 -6.16 30.57
N LYS A 288 -0.02 -6.02 29.77
CA LYS A 288 -0.02 -6.48 28.38
C LYS A 288 1.05 -5.80 27.53
N SER A 289 1.12 -4.44 27.51
CA SER A 289 2.11 -3.77 26.67
C SER A 289 3.52 -3.96 27.21
N HIS A 290 3.67 -4.11 28.54
CA HIS A 290 4.96 -4.39 29.18
C HIS A 290 5.43 -5.79 28.72
N PHE A 291 4.53 -6.77 28.69
CA PHE A 291 4.81 -8.11 28.18
C PHE A 291 5.20 -8.03 26.70
N ALA A 292 4.39 -7.35 25.88
CA ALA A 292 4.63 -7.22 24.45
C ALA A 292 6.01 -6.60 24.14
N ILE A 293 6.38 -5.49 24.82
CA ILE A 293 7.69 -4.86 24.58
C ILE A 293 8.85 -5.68 25.19
N GLY A 294 8.60 -6.34 26.31
CA GLY A 294 9.59 -7.18 26.97
C GLY A 294 9.97 -8.42 26.17
N LEU A 295 9.08 -8.84 25.29
CA LEU A 295 9.34 -9.96 24.40
C LEU A 295 10.51 -9.61 23.45
N ALA A 296 10.64 -8.30 23.05
CA ALA A 296 11.73 -7.78 22.22
C ALA A 296 13.06 -7.76 22.95
N LEU A 297 13.02 -7.50 24.25
CA LEU A 297 14.22 -7.50 25.08
C LEU A 297 14.65 -8.96 25.38
N TYR A 298 13.68 -9.89 25.47
CA TYR A 298 14.00 -11.29 25.70
C TYR A 298 14.59 -11.95 24.47
N TYR A 299 14.12 -11.60 23.25
CA TYR A 299 14.71 -12.12 22.00
C TYR A 299 15.23 -10.91 21.25
N PRO A 300 16.41 -10.39 21.67
CA PRO A 300 16.89 -9.10 21.15
C PRO A 300 17.25 -9.01 19.68
N SER A 301 17.48 -10.14 19.01
CA SER A 301 17.79 -10.10 17.57
C SER A 301 16.54 -10.34 16.68
N ALA A 302 15.41 -10.74 17.29
CA ALA A 302 14.16 -11.00 16.59
C ALA A 302 13.50 -9.76 15.97
N ARG A 303 13.07 -9.88 14.72
CA ARG A 303 12.33 -8.83 14.03
C ARG A 303 10.86 -8.99 14.48
N ILE A 304 10.31 -7.95 15.13
CA ILE A 304 8.94 -8.02 15.64
C ILE A 304 8.01 -7.03 14.97
N VAL A 305 6.87 -7.53 14.48
CA VAL A 305 5.86 -6.67 13.95
C VAL A 305 4.76 -6.60 15.01
N TYR A 306 4.50 -5.40 15.49
CA TYR A 306 3.47 -5.09 16.47
C TYR A 306 2.26 -4.54 15.71
N THR A 307 1.14 -5.24 15.83
CA THR A 307 -0.07 -4.89 15.11
C THR A 307 -1.28 -4.91 16.03
N ALA A 308 -2.29 -4.11 15.67
CA ALA A 308 -3.60 -4.00 16.33
C ALA A 308 -4.60 -3.38 15.31
N CYS A 309 -5.91 -3.48 15.58
CA CYS A 309 -6.90 -2.93 14.65
C CYS A 309 -6.90 -1.41 14.64
N SER A 310 -6.88 -0.79 15.83
CA SER A 310 -6.94 0.66 15.94
C SER A 310 -5.58 1.37 15.98
N HIS A 311 -5.57 2.63 15.53
CA HIS A 311 -4.38 3.47 15.61
C HIS A 311 -3.99 3.72 17.04
N ALA A 312 -4.98 3.85 17.96
CA ALA A 312 -4.73 4.06 19.38
C ALA A 312 -4.01 2.85 20.03
N ALA A 313 -4.45 1.60 19.70
CA ALA A 313 -3.79 0.42 20.25
C ALA A 313 -2.36 0.32 19.78
N VAL A 314 -2.11 0.66 18.49
CA VAL A 314 -0.75 0.65 17.92
C VAL A 314 0.12 1.72 18.60
N ASP A 315 -0.45 2.94 18.80
CA ASP A 315 0.22 4.08 19.47
C ASP A 315 0.60 3.77 20.93
N ALA A 316 -0.27 3.05 21.65
CA ALA A 316 0.01 2.64 23.00
C ALA A 316 1.22 1.65 23.02
N LEU A 317 1.40 0.82 21.95
CA LEU A 317 2.57 -0.08 21.86
C LEU A 317 3.85 0.73 21.54
N CYS A 318 3.71 1.76 20.68
CA CYS A 318 4.80 2.66 20.34
C CYS A 318 5.29 3.40 21.59
N GLU A 319 4.35 3.86 22.46
CA GLU A 319 4.72 4.57 23.68
C GLU A 319 5.56 3.72 24.61
N LYS A 320 5.17 2.43 24.76
CA LYS A 320 5.90 1.48 25.59
C LYS A 320 7.26 1.15 24.94
N ALA A 321 7.31 1.01 23.60
CA ALA A 321 8.58 0.74 22.91
C ALA A 321 9.53 1.92 22.97
N LEU A 322 9.00 3.14 22.98
CA LEU A 322 9.82 4.34 23.09
C LEU A 322 10.66 4.33 24.39
N LYS A 323 10.09 3.76 25.47
CA LYS A 323 10.70 3.63 26.79
C LYS A 323 11.77 2.50 26.91
N TYR A 324 11.66 1.41 26.10
CA TYR A 324 12.57 0.27 26.25
C TYR A 324 13.39 -0.16 25.04
N LEU A 325 12.93 0.16 23.84
CA LEU A 325 13.58 -0.28 22.61
C LEU A 325 14.31 0.87 21.92
N PRO A 326 15.43 0.57 21.24
CA PRO A 326 16.19 1.63 20.55
C PRO A 326 15.32 2.30 19.49
N ILE A 327 15.18 3.64 19.55
CA ILE A 327 14.33 4.40 18.66
C ILE A 327 14.75 4.27 17.16
N ASP A 328 16.02 3.95 16.90
CA ASP A 328 16.55 3.77 15.55
C ASP A 328 16.10 2.45 14.89
N LYS A 329 15.72 1.45 15.71
CA LYS A 329 15.23 0.19 15.17
C LYS A 329 13.70 0.13 15.12
N CYS A 330 13.01 1.27 15.34
CA CYS A 330 11.56 1.35 15.30
C CYS A 330 11.03 2.15 14.13
N SER A 331 9.88 1.74 13.64
CA SER A 331 9.18 2.47 12.59
C SER A 331 7.66 2.34 12.72
N ARG A 332 6.96 3.50 12.62
CA ARG A 332 5.50 3.54 12.68
C ARG A 332 4.96 3.61 11.22
N ILE A 333 4.26 2.54 10.75
CA ILE A 333 3.71 2.48 9.39
C ILE A 333 2.39 3.24 9.35
N ILE A 334 2.32 4.29 8.55
CA ILE A 334 1.15 5.14 8.44
C ILE A 334 0.65 5.09 7.00
N PRO A 335 -0.63 4.75 6.79
CA PRO A 335 -1.17 4.72 5.42
C PRO A 335 -1.26 6.11 4.81
N ALA A 336 -1.00 6.21 3.49
CA ALA A 336 -1.01 7.46 2.74
C ALA A 336 -2.32 8.24 2.95
N ARG A 337 -3.45 7.52 3.13
CA ARG A 337 -4.75 8.13 3.41
C ARG A 337 -4.87 8.26 4.94
N ALA A 338 -4.02 9.13 5.54
CA ALA A 338 -3.93 9.38 6.97
C ALA A 338 -5.24 9.95 7.54
N ARG A 339 -6.03 9.08 8.20
CA ARG A 339 -7.35 9.38 8.77
C ARG A 339 -7.26 10.17 10.09
N VAL A 340 -6.56 9.63 11.10
CA VAL A 340 -6.38 10.35 12.37
C VAL A 340 -4.89 10.52 12.69
N GLU A 341 -4.58 11.51 13.53
CA GLU A 341 -3.22 11.80 14.00
C GLU A 341 -2.73 10.62 14.85
N CYS A 342 -1.52 10.12 14.57
CA CYS A 342 -0.97 9.03 15.35
C CYS A 342 0.53 9.29 15.77
N PHE A 343 1.21 8.26 16.28
CA PHE A 343 2.57 8.30 16.81
C PHE A 343 3.61 8.93 15.89
N ASP A 344 4.22 10.07 16.32
CA ASP A 344 5.20 10.84 15.55
C ASP A 344 6.65 10.66 15.94
N LYS A 345 6.98 9.84 16.95
CA LYS A 345 8.36 9.76 17.44
C LYS A 345 9.26 8.73 16.72
N PHE A 346 8.70 7.77 15.96
CA PHE A 346 9.53 6.80 15.22
C PHE A 346 9.65 7.25 13.76
N LYS A 347 10.66 6.74 13.01
CA LYS A 347 10.77 7.06 11.58
C LYS A 347 9.55 6.44 10.86
N VAL A 348 8.81 7.25 10.08
CA VAL A 348 7.59 6.79 9.43
C VAL A 348 7.83 6.04 8.12
N ASN A 349 7.16 4.87 7.99
CA ASN A 349 7.09 4.03 6.80
C ASN A 349 8.39 3.34 6.37
N SER A 350 9.21 2.94 7.35
CA SER A 350 10.42 2.18 7.04
C SER A 350 10.12 0.72 7.40
N THR A 351 9.49 -0.02 6.46
CA THR A 351 9.08 -1.42 6.56
C THR A 351 10.21 -2.38 7.00
N LEU A 352 11.46 -2.04 6.66
CA LEU A 352 12.65 -2.84 6.93
C LEU A 352 13.20 -2.78 8.38
N GLU A 353 12.72 -1.82 9.23
CA GLU A 353 13.22 -1.70 10.61
C GLU A 353 12.91 -2.94 11.44
N GLN A 354 13.74 -3.24 12.46
CA GLN A 354 13.56 -4.41 13.31
C GLN A 354 12.18 -4.45 14.01
N TYR A 355 11.68 -3.27 14.41
CA TYR A 355 10.38 -3.13 15.09
C TYR A 355 9.46 -2.31 14.23
N VAL A 356 8.34 -2.91 13.82
CA VAL A 356 7.38 -2.25 12.97
C VAL A 356 6.04 -2.20 13.66
N PHE A 357 5.52 -1.00 13.83
CA PHE A 357 4.24 -0.79 14.51
C PHE A 357 3.26 -0.31 13.44
N CYS A 358 2.19 -1.07 13.23
CA CYS A 358 1.26 -0.81 12.13
C CYS A 358 -0.11 -1.39 12.40
N THR A 359 -1.19 -0.66 12.00
CA THR A 359 -2.55 -1.19 12.12
C THR A 359 -2.74 -2.38 11.12
N VAL A 360 -3.68 -3.30 11.39
CA VAL A 360 -3.94 -4.46 10.52
C VAL A 360 -4.17 -4.07 9.05
N ASN A 361 -5.09 -3.09 8.78
CA ASN A 361 -5.43 -2.68 7.39
C ASN A 361 -4.27 -2.01 6.62
N ALA A 362 -3.20 -1.56 7.32
CA ALA A 362 -2.03 -0.91 6.68
C ALA A 362 -0.77 -1.83 6.61
N LEU A 363 -0.88 -3.08 7.09
CA LEU A 363 0.25 -4.00 7.10
C LEU A 363 0.84 -4.24 5.72
N PRO A 364 2.16 -4.14 5.60
CA PRO A 364 2.79 -4.49 4.31
C PRO A 364 2.93 -6.02 4.17
N GLU A 365 3.30 -6.47 2.96
CA GLU A 365 3.55 -7.89 2.71
C GLU A 365 4.97 -8.10 3.22
N THR A 366 5.11 -8.70 4.41
CA THR A 366 6.44 -8.89 5.00
C THR A 366 6.51 -10.17 5.89
N THR A 367 7.71 -10.47 6.37
CA THR A 367 7.92 -11.59 7.27
C THR A 367 8.46 -11.07 8.62
N ALA A 368 8.39 -11.91 9.66
CA ALA A 368 8.87 -11.52 10.99
C ALA A 368 9.23 -12.75 11.81
N ASP A 369 10.08 -12.58 12.82
CA ASP A 369 10.37 -13.68 13.74
C ASP A 369 9.19 -13.81 14.73
N ILE A 370 8.61 -12.67 15.15
CA ILE A 370 7.42 -12.64 16.02
C ILE A 370 6.44 -11.58 15.50
N VAL A 371 5.16 -11.93 15.51
CA VAL A 371 4.10 -11.00 15.22
C VAL A 371 3.33 -10.91 16.53
N VAL A 372 3.18 -9.68 17.08
CA VAL A 372 2.39 -9.47 18.28
C VAL A 372 1.09 -8.79 17.81
N PHE A 373 -0.06 -9.42 18.03
CA PHE A 373 -1.34 -8.86 17.65
C PHE A 373 -2.04 -8.52 18.96
N ASP A 374 -2.12 -7.23 19.27
CA ASP A 374 -2.68 -6.70 20.52
C ASP A 374 -4.17 -6.31 20.38
N GLU A 375 -4.85 -6.12 21.55
CA GLU A 375 -6.26 -5.78 21.70
C GLU A 375 -7.11 -6.76 20.87
N ILE A 376 -6.88 -8.06 21.09
CA ILE A 376 -7.48 -9.15 20.33
C ILE A 376 -9.00 -9.23 20.48
N SER A 377 -9.60 -8.72 21.58
CA SER A 377 -11.06 -8.76 21.69
C SER A 377 -11.72 -7.88 20.58
N MET A 378 -10.99 -6.84 20.08
CA MET A 378 -11.44 -5.91 19.03
C MET A 378 -11.25 -6.45 17.60
N ALA A 379 -10.52 -7.56 17.44
CA ALA A 379 -10.33 -8.14 16.12
C ALA A 379 -11.57 -8.94 15.72
N THR A 380 -11.75 -9.02 14.41
CA THR A 380 -12.77 -9.86 13.78
C THR A 380 -11.99 -10.98 13.09
N ASN A 381 -12.69 -12.03 12.66
CA ASN A 381 -12.03 -13.10 11.90
C ASN A 381 -11.46 -12.60 10.59
N TYR A 382 -12.06 -11.53 10.00
CA TYR A 382 -11.58 -10.88 8.81
C TYR A 382 -10.16 -10.34 9.09
N ASP A 383 -9.98 -9.60 10.22
CA ASP A 383 -8.67 -9.09 10.68
C ASP A 383 -7.66 -10.22 10.94
N LEU A 384 -8.08 -11.30 11.66
CA LEU A 384 -7.24 -12.46 11.97
C LEU A 384 -6.65 -13.07 10.68
N SER A 385 -7.50 -13.24 9.66
CA SER A 385 -7.12 -13.80 8.38
C SER A 385 -6.16 -12.87 7.61
N VAL A 386 -6.47 -11.54 7.59
CA VAL A 386 -5.63 -10.53 6.93
C VAL A 386 -4.21 -10.57 7.50
N VAL A 387 -4.07 -10.66 8.83
CA VAL A 387 -2.76 -10.73 9.46
C VAL A 387 -1.98 -11.97 8.98
N ASN A 388 -2.63 -13.13 8.95
CA ASN A 388 -1.98 -14.34 8.46
C ASN A 388 -1.60 -14.25 6.96
N ALA A 389 -2.34 -13.45 6.18
CA ALA A 389 -2.09 -13.27 4.75
C ALA A 389 -0.96 -12.28 4.45
N ARG A 390 -0.80 -11.22 5.25
CA ARG A 390 0.26 -10.23 4.99
C ARG A 390 1.57 -10.50 5.75
N LEU A 391 1.48 -11.23 6.87
CA LEU A 391 2.65 -11.52 7.69
C LEU A 391 2.99 -13.02 7.81
N ARG A 392 4.17 -13.40 7.33
CA ARG A 392 4.64 -14.79 7.48
C ARG A 392 5.63 -14.81 8.62
N ALA A 393 5.22 -15.34 9.78
CA ALA A 393 6.05 -15.31 10.98
C ALA A 393 6.40 -16.67 11.60
N LYS A 394 7.54 -16.74 12.31
CA LYS A 394 7.89 -17.96 13.03
C LYS A 394 6.93 -18.15 14.22
N HIS A 395 6.54 -17.02 14.88
CA HIS A 395 5.66 -17.00 16.05
C HIS A 395 4.65 -15.89 16.01
N TYR A 396 3.44 -16.18 16.48
CA TYR A 396 2.34 -15.23 16.53
C TYR A 396 1.87 -15.16 17.98
N VAL A 397 1.80 -13.95 18.54
CA VAL A 397 1.32 -13.79 19.91
C VAL A 397 0.06 -12.94 19.89
N TYR A 398 -1.03 -13.44 20.43
CA TYR A 398 -2.30 -12.74 20.45
C TYR A 398 -2.53 -12.27 21.85
N ILE A 399 -2.55 -10.96 22.03
CA ILE A 399 -2.74 -10.33 23.34
C ILE A 399 -4.09 -9.57 23.41
N GLY A 400 -4.81 -9.80 24.48
CA GLY A 400 -6.07 -9.12 24.71
C GLY A 400 -6.79 -9.68 25.89
N ASP A 401 -8.10 -9.51 25.87
CA ASP A 401 -8.92 -9.93 26.98
C ASP A 401 -10.36 -10.16 26.52
N PRO A 402 -10.81 -11.42 26.53
CA PRO A 402 -12.22 -11.69 26.14
C PRO A 402 -13.26 -11.04 27.05
N ALA A 403 -12.85 -10.56 28.24
CA ALA A 403 -13.74 -9.85 29.18
C ALA A 403 -13.83 -8.32 28.85
N GLN A 404 -13.13 -7.87 27.81
CA GLN A 404 -13.21 -6.51 27.34
C GLN A 404 -14.09 -6.43 26.06
N LEU A 405 -14.25 -5.23 25.50
CA LEU A 405 -15.15 -4.99 24.39
C LEU A 405 -14.72 -5.53 23.01
N PRO A 406 -15.72 -6.07 22.28
CA PRO A 406 -15.45 -6.51 20.92
C PRO A 406 -15.66 -5.36 19.91
N ALA A 407 -15.28 -5.59 18.64
CA ALA A 407 -15.51 -4.62 17.58
C ALA A 407 -17.04 -4.51 17.37
N PRO A 408 -17.56 -3.29 17.20
CA PRO A 408 -19.02 -3.16 16.96
C PRO A 408 -19.45 -3.91 15.71
N ARG A 409 -20.56 -4.63 15.81
CA ARG A 409 -21.13 -5.38 14.70
C ARG A 409 -22.31 -4.55 14.25
N THR A 410 -22.09 -3.67 13.27
CA THR A 410 -23.13 -2.76 12.79
C THR A 410 -24.43 -3.45 12.36
N LEU A 411 -24.39 -4.69 11.81
CA LEU A 411 -25.64 -5.35 11.38
C LEU A 411 -26.40 -6.04 12.50
N LEU A 412 -25.69 -6.46 13.56
CA LEU A 412 -26.29 -7.20 14.68
C LEU A 412 -27.22 -6.34 15.54
N THR A 413 -28.51 -6.74 15.57
CA THR A 413 -29.52 -6.06 16.37
C THR A 413 -30.30 -7.01 17.28
N LYS A 414 -30.30 -8.31 16.99
CA LYS A 414 -31.05 -9.26 17.80
C LYS A 414 -30.13 -10.26 18.51
N GLY A 415 -30.17 -10.28 19.84
CA GLY A 415 -29.36 -11.17 20.62
C GLY A 415 -28.03 -10.54 21.00
N THR A 416 -27.38 -11.10 22.01
CA THR A 416 -26.10 -10.57 22.46
C THR A 416 -24.98 -11.49 22.01
N LEU A 417 -23.88 -10.90 21.57
CA LEU A 417 -22.70 -11.64 21.14
C LEU A 417 -21.77 -11.95 22.35
N GLU A 418 -21.73 -13.22 22.80
CA GLU A 418 -20.88 -13.63 23.90
C GLU A 418 -19.38 -13.65 23.53
N PRO A 419 -18.48 -13.40 24.53
CA PRO A 419 -17.02 -13.38 24.26
C PRO A 419 -16.41 -14.56 23.51
N GLU A 420 -16.91 -15.78 23.77
CA GLU A 420 -16.42 -16.95 23.04
C GLU A 420 -16.73 -16.90 21.53
N TYR A 421 -17.47 -15.91 21.07
CA TYR A 421 -17.82 -15.77 19.67
C TYR A 421 -17.26 -14.48 19.04
N PHE A 422 -16.38 -13.72 19.74
CA PHE A 422 -15.85 -12.49 19.17
C PHE A 422 -14.96 -12.76 17.97
N ASN A 423 -14.15 -13.79 18.06
CA ASN A 423 -13.23 -14.22 16.99
C ASN A 423 -12.61 -15.56 17.42
N SER A 424 -11.78 -16.17 16.55
CA SER A 424 -11.16 -17.48 16.82
C SER A 424 -10.28 -17.46 18.07
N VAL A 425 -9.51 -16.38 18.25
CA VAL A 425 -8.61 -16.26 19.38
C VAL A 425 -9.41 -16.22 20.68
N CYS A 426 -10.46 -15.38 20.72
CA CYS A 426 -11.33 -15.29 21.90
C CYS A 426 -12.07 -16.58 22.15
N ARG A 427 -12.48 -17.27 21.08
CA ARG A 427 -13.12 -18.56 21.22
C ARG A 427 -12.20 -19.55 21.98
N LEU A 428 -10.93 -19.63 21.56
CA LEU A 428 -9.96 -20.49 22.23
C LEU A 428 -9.77 -20.09 23.70
N MET A 429 -9.57 -18.78 23.98
CA MET A 429 -9.38 -18.30 25.34
C MET A 429 -10.55 -18.63 26.26
N LYS A 430 -11.76 -18.63 25.73
CA LYS A 430 -12.95 -18.90 26.53
C LYS A 430 -13.28 -20.39 26.66
N THR A 431 -12.76 -21.23 25.75
CA THR A 431 -13.05 -22.67 25.77
C THR A 431 -11.91 -23.50 26.42
N ILE A 432 -10.70 -23.49 25.82
CA ILE A 432 -9.55 -24.23 26.33
C ILE A 432 -8.71 -23.42 27.35
N GLY A 433 -9.07 -22.16 27.58
CA GLY A 433 -8.31 -21.25 28.40
C GLY A 433 -7.18 -20.61 27.59
N PRO A 434 -6.66 -19.47 28.03
CA PRO A 434 -5.54 -18.85 27.30
C PRO A 434 -4.19 -19.56 27.61
N ASP A 435 -3.17 -19.36 26.76
CA ASP A 435 -1.86 -19.98 27.03
C ASP A 435 -1.21 -19.34 28.25
N MET A 436 -1.36 -18.00 28.36
CA MET A 436 -0.78 -17.21 29.43
C MET A 436 -1.85 -16.26 29.98
N PHE A 437 -1.85 -16.04 31.30
CA PHE A 437 -2.82 -15.16 32.00
C PHE A 437 -2.09 -14.23 32.94
N LEU A 438 -2.22 -12.90 32.74
CA LEU A 438 -1.59 -11.93 33.65
C LEU A 438 -2.55 -11.72 34.84
N GLY A 439 -2.22 -12.32 35.98
CA GLY A 439 -3.13 -12.37 37.12
C GLY A 439 -3.13 -11.25 38.14
N THR A 440 -2.24 -10.26 38.00
CA THR A 440 -2.20 -9.19 39.00
C THR A 440 -2.44 -7.82 38.37
N CYS A 441 -3.54 -7.20 38.76
CA CYS A 441 -3.85 -5.85 38.29
C CYS A 441 -3.04 -4.82 39.08
N ARG A 442 -2.14 -4.12 38.43
CA ARG A 442 -1.33 -3.08 39.06
C ARG A 442 -1.95 -1.67 38.96
N ARG A 443 -3.03 -1.50 38.21
CA ARG A 443 -3.61 -0.17 37.99
C ARG A 443 -4.61 0.27 39.04
N CYS A 444 -5.61 -0.57 39.28
CA CYS A 444 -6.82 -0.19 39.96
C CYS A 444 -6.80 -0.34 41.46
N PRO A 445 -7.57 0.55 42.16
CA PRO A 445 -7.77 0.35 43.62
C PRO A 445 -8.39 -1.04 43.83
N ALA A 446 -8.09 -1.68 44.97
CA ALA A 446 -8.61 -3.03 45.21
C ALA A 446 -10.14 -3.15 45.11
N GLU A 447 -10.93 -2.09 45.41
CA GLU A 447 -12.39 -2.15 45.31
C GLU A 447 -12.84 -2.53 43.87
N ILE A 448 -12.17 -1.95 42.87
CA ILE A 448 -12.42 -2.20 41.47
C ILE A 448 -11.92 -3.58 41.07
N VAL A 449 -10.69 -3.94 41.50
CA VAL A 449 -10.14 -5.25 41.19
C VAL A 449 -11.02 -6.40 41.73
N ASP A 450 -11.47 -6.26 42.98
CA ASP A 450 -12.32 -7.27 43.59
C ASP A 450 -13.66 -7.39 42.88
N THR A 451 -14.24 -6.25 42.46
CA THR A 451 -15.52 -6.28 41.75
C THR A 451 -15.41 -7.03 40.40
N VAL A 452 -14.43 -6.65 39.51
CA VAL A 452 -14.27 -7.24 38.18
C VAL A 452 -13.70 -8.68 38.25
N SER A 453 -12.86 -8.99 39.25
CA SER A 453 -12.35 -10.35 39.45
C SER A 453 -13.54 -11.30 39.67
N ALA A 454 -14.49 -10.91 40.54
CA ALA A 454 -15.70 -11.70 40.79
C ALA A 454 -16.68 -11.69 39.56
N LEU A 455 -16.85 -10.54 38.94
CA LEU A 455 -17.77 -10.35 37.81
C LEU A 455 -17.40 -11.14 36.54
N VAL A 456 -16.13 -11.01 36.03
CA VAL A 456 -15.75 -11.63 34.75
C VAL A 456 -14.48 -12.50 34.76
N TYR A 457 -13.71 -12.52 35.86
CA TYR A 457 -12.43 -13.25 35.85
C TYR A 457 -12.42 -14.50 36.73
N ASP A 458 -13.58 -14.97 37.19
CA ASP A 458 -13.71 -16.15 38.06
C ASP A 458 -12.81 -16.08 39.29
N ASN A 459 -12.70 -14.92 39.91
CA ASN A 459 -11.93 -14.66 41.13
C ASN A 459 -10.43 -14.92 40.98
N LYS A 460 -9.91 -14.87 39.74
CA LYS A 460 -8.48 -15.11 39.45
C LYS A 460 -7.66 -13.83 39.29
N LEU A 461 -8.32 -12.66 39.29
CA LEU A 461 -7.58 -11.41 39.16
C LEU A 461 -7.28 -10.89 40.59
N LYS A 462 -6.02 -10.61 40.85
CA LYS A 462 -5.60 -10.13 42.16
C LYS A 462 -5.25 -8.64 42.14
N ALA A 463 -5.48 -7.92 43.26
CA ALA A 463 -5.18 -6.49 43.35
C ALA A 463 -3.77 -6.29 43.86
N HIS A 464 -2.97 -5.49 43.18
CA HIS A 464 -1.66 -5.12 43.66
C HIS A 464 -1.84 -3.93 44.63
N LYS A 465 -2.61 -2.92 44.21
CA LYS A 465 -2.90 -1.78 45.05
C LYS A 465 -3.81 -2.16 46.19
N ASP A 466 -3.75 -1.34 47.25
CA ASP A 466 -4.65 -1.47 48.38
C ASP A 466 -6.00 -0.82 47.90
N LYS A 467 -7.06 -0.92 48.71
CA LYS A 467 -8.28 -0.18 48.48
C LYS A 467 -7.94 1.33 48.61
N SER A 468 -8.44 2.14 47.70
CA SER A 468 -8.15 3.57 47.73
C SER A 468 -9.06 4.37 48.67
N ALA A 469 -10.23 3.79 49.07
CA ALA A 469 -11.31 4.44 49.82
C ALA A 469 -11.86 5.67 49.06
N GLN A 470 -11.60 5.73 47.74
CA GLN A 470 -12.07 6.75 46.82
C GLN A 470 -12.91 6.12 45.67
N CYS A 471 -13.62 5.00 45.97
CA CYS A 471 -14.47 4.28 45.02
C CYS A 471 -15.87 4.32 45.55
N PHE A 472 -16.73 5.10 44.89
CA PHE A 472 -18.09 5.36 45.34
C PHE A 472 -19.17 4.93 44.34
N LYS A 473 -20.33 4.58 44.87
CA LYS A 473 -21.44 4.17 44.06
C LYS A 473 -22.70 4.86 44.56
N MET A 474 -23.55 5.22 43.61
CA MET A 474 -24.82 5.82 43.93
C MET A 474 -25.86 5.23 43.04
N PHE A 475 -26.94 4.79 43.62
CA PHE A 475 -28.02 4.18 42.88
C PHE A 475 -29.04 5.30 42.59
N TYR A 476 -29.08 5.75 41.34
CA TYR A 476 -29.94 6.87 40.96
C TYR A 476 -30.48 6.70 39.55
N LYS A 477 -31.74 6.26 39.41
CA LYS A 477 -32.29 6.02 38.07
C LYS A 477 -32.43 7.31 37.23
N GLY A 478 -32.70 8.45 37.88
CA GLY A 478 -32.81 9.72 37.18
C GLY A 478 -33.94 9.72 36.16
N VAL A 479 -33.72 10.36 35.00
CA VAL A 479 -34.72 10.50 33.94
C VAL A 479 -34.01 10.24 32.64
N ILE A 480 -34.56 9.32 31.84
CA ILE A 480 -33.92 8.97 30.59
C ILE A 480 -34.57 9.66 29.42
N THR A 481 -33.80 10.44 28.71
CA THR A 481 -34.27 11.08 27.49
C THR A 481 -33.43 10.50 26.36
N HIS A 482 -33.84 10.75 25.10
CA HIS A 482 -33.10 10.22 23.96
C HIS A 482 -32.90 11.25 22.88
N ASP A 483 -31.70 11.24 22.30
CA ASP A 483 -31.27 12.06 21.18
C ASP A 483 -31.28 11.03 20.06
N VAL A 484 -32.46 10.79 19.50
CA VAL A 484 -32.73 9.77 18.49
C VAL A 484 -32.85 8.42 19.28
N SER A 485 -31.75 7.71 19.49
CA SER A 485 -31.70 6.49 20.27
C SER A 485 -30.58 6.52 21.33
N SER A 486 -29.56 7.42 21.13
CA SER A 486 -28.47 7.62 22.09
C SER A 486 -29.13 8.29 23.31
N ALA A 487 -28.89 7.74 24.49
CA ALA A 487 -29.56 8.16 25.70
C ALA A 487 -28.83 9.25 26.50
N ILE A 488 -29.62 10.00 27.26
CA ILE A 488 -29.17 11.09 28.11
C ILE A 488 -29.87 10.93 29.45
N ASN A 489 -29.16 11.20 30.55
CA ASN A 489 -29.73 11.17 31.88
C ASN A 489 -29.25 12.43 32.60
N ARG A 490 -29.97 13.55 32.38
CA ARG A 490 -29.64 14.84 32.97
C ARG A 490 -29.62 14.78 34.50
N PRO A 491 -30.62 14.18 35.19
CA PRO A 491 -30.51 14.07 36.65
C PRO A 491 -29.23 13.35 37.16
N GLN A 492 -28.74 12.31 36.43
CA GLN A 492 -27.49 11.64 36.82
C GLN A 492 -26.30 12.61 36.67
N ILE A 493 -26.34 13.50 35.66
CA ILE A 493 -25.30 14.52 35.50
C ILE A 493 -25.41 15.60 36.63
N GLY A 494 -26.63 15.91 37.07
CA GLY A 494 -26.91 16.83 38.15
C GLY A 494 -26.37 16.30 39.45
N VAL A 495 -26.50 15.00 39.69
CA VAL A 495 -25.92 14.34 40.87
C VAL A 495 -24.36 14.46 40.80
N VAL A 496 -23.75 14.31 39.61
CA VAL A 496 -22.32 14.46 39.46
C VAL A 496 -21.88 15.89 39.81
N ARG A 497 -22.60 16.87 39.28
CA ARG A 497 -22.36 18.29 39.53
C ARG A 497 -22.37 18.60 41.05
N GLU A 498 -23.37 18.08 41.77
CA GLU A 498 -23.49 18.24 43.23
C GLU A 498 -22.30 17.59 43.99
N PHE A 499 -21.88 16.41 43.53
CA PHE A 499 -20.74 15.70 44.09
C PHE A 499 -19.44 16.49 43.86
N LEU A 500 -19.26 17.05 42.64
CA LEU A 500 -18.08 17.81 42.29
C LEU A 500 -17.87 19.03 43.19
N THR A 501 -18.97 19.71 43.57
CA THR A 501 -18.89 20.88 44.44
C THR A 501 -18.36 20.47 45.84
N ARG A 502 -18.81 19.32 46.35
CA ARG A 502 -18.38 18.80 47.65
C ARG A 502 -17.04 18.06 47.62
N ASN A 503 -16.55 17.69 46.43
CA ASN A 503 -15.32 16.92 46.23
C ASN A 503 -14.47 17.52 45.10
N PRO A 504 -13.95 18.75 45.33
CA PRO A 504 -13.18 19.44 44.29
C PRO A 504 -11.94 18.73 43.76
N ALA A 505 -11.37 17.74 44.49
CA ALA A 505 -10.23 16.98 43.93
C ALA A 505 -10.65 16.27 42.62
N TRP A 506 -11.92 15.84 42.56
CA TRP A 506 -12.53 15.17 41.41
C TRP A 506 -12.71 16.04 40.18
N ARG A 507 -12.32 17.35 40.27
CA ARG A 507 -12.31 18.33 39.19
C ARG A 507 -11.49 17.79 38.00
N LYS A 508 -10.48 16.96 38.28
CA LYS A 508 -9.55 16.37 37.34
C LYS A 508 -10.06 15.02 36.70
N ALA A 509 -11.29 14.58 37.05
CA ALA A 509 -11.86 13.32 36.56
C ALA A 509 -12.27 13.34 35.09
N VAL A 510 -12.24 12.15 34.48
CA VAL A 510 -12.74 11.91 33.14
C VAL A 510 -14.15 11.41 33.32
N PHE A 511 -15.09 11.98 32.58
CA PHE A 511 -16.47 11.55 32.63
C PHE A 511 -16.63 10.42 31.60
N ILE A 512 -17.22 9.30 32.02
CA ILE A 512 -17.45 8.14 31.16
C ILE A 512 -18.90 7.71 31.29
N SER A 513 -19.49 7.35 30.16
CA SER A 513 -20.84 6.82 30.08
C SER A 513 -20.92 5.89 28.85
N PRO A 514 -21.94 5.04 28.78
CA PRO A 514 -22.10 4.19 27.58
C PRO A 514 -22.63 4.97 26.35
N TYR A 515 -22.94 6.29 26.46
CA TYR A 515 -23.58 7.04 25.36
C TYR A 515 -22.94 8.36 25.00
N ASN A 516 -22.69 8.60 23.71
CA ASN A 516 -22.13 9.88 23.25
C ASN A 516 -23.01 11.09 23.59
N SER A 517 -24.34 10.94 23.52
CA SER A 517 -25.24 12.06 23.83
C SER A 517 -25.22 12.39 25.30
N GLN A 518 -25.07 11.39 26.19
CA GLN A 518 -24.90 11.63 27.62
C GLN A 518 -23.60 12.44 27.86
N ASN A 519 -22.52 12.03 27.17
CA ASN A 519 -21.20 12.66 27.22
C ASN A 519 -21.21 14.10 26.70
N ALA A 520 -22.01 14.38 25.66
CA ALA A 520 -22.12 15.73 25.09
C ALA A 520 -22.78 16.64 26.12
N VAL A 521 -23.84 16.14 26.78
CA VAL A 521 -24.53 16.89 27.82
C VAL A 521 -23.59 17.11 29.05
N ALA A 522 -22.91 16.05 29.51
CA ALA A 522 -21.98 16.17 30.63
C ALA A 522 -20.84 17.14 30.32
N SER A 523 -20.37 17.19 29.06
CA SER A 523 -19.28 18.08 28.69
C SER A 523 -19.63 19.54 28.92
N LYS A 524 -20.82 19.96 28.52
CA LYS A 524 -21.29 21.33 28.68
C LYS A 524 -21.62 21.67 30.16
N ILE A 525 -22.26 20.74 30.87
CA ILE A 525 -22.67 20.97 32.27
C ILE A 525 -21.51 20.84 33.29
N LEU A 526 -20.61 19.88 33.10
CA LEU A 526 -19.52 19.65 34.04
C LEU A 526 -18.19 20.21 33.60
N GLY A 527 -17.97 20.30 32.30
CA GLY A 527 -16.69 20.75 31.77
C GLY A 527 -15.60 19.71 31.88
N LEU A 528 -15.94 18.47 32.33
CA LEU A 528 -14.95 17.38 32.42
C LEU A 528 -14.68 16.84 31.01
N PRO A 529 -13.45 16.34 30.74
CA PRO A 529 -13.22 15.62 29.47
C PRO A 529 -14.08 14.36 29.51
N THR A 530 -14.56 14.01 28.35
CA THR A 530 -15.54 12.97 28.17
C THR A 530 -14.99 11.80 27.35
N GLN A 531 -15.54 10.61 27.57
CA GLN A 531 -15.13 9.42 26.85
C GLN A 531 -16.23 8.37 26.95
N THR A 532 -16.57 7.66 25.85
CA THR A 532 -17.57 6.57 25.95
C THR A 532 -16.79 5.38 26.53
N VAL A 533 -17.46 4.38 27.09
CA VAL A 533 -16.78 3.19 27.60
C VAL A 533 -15.90 2.54 26.52
N ASP A 534 -16.44 2.43 25.30
CA ASP A 534 -15.80 1.84 24.13
C ASP A 534 -14.55 2.63 23.69
N SER A 535 -14.60 3.97 23.71
CA SER A 535 -13.39 4.75 23.36
C SER A 535 -12.38 4.84 24.56
N SER A 536 -12.81 4.51 25.79
CA SER A 536 -11.90 4.55 26.97
C SER A 536 -11.00 3.32 27.07
N GLN A 537 -11.38 2.20 26.39
CA GLN A 537 -10.62 0.94 26.40
C GLN A 537 -9.17 1.16 26.02
N GLY A 538 -8.28 0.62 26.85
CA GLY A 538 -6.85 0.77 26.70
C GLY A 538 -6.25 2.00 27.40
N SER A 539 -7.13 2.93 27.87
CA SER A 539 -6.71 4.17 28.54
C SER A 539 -6.89 4.08 30.06
N GLU A 540 -6.15 4.91 30.81
CA GLU A 540 -6.28 4.95 32.25
C GLU A 540 -6.22 6.38 32.75
N TYR A 541 -6.98 6.65 33.79
CA TYR A 541 -7.12 7.98 34.39
C TYR A 541 -7.12 7.84 35.91
N ASP A 542 -6.65 8.86 36.64
CA ASP A 542 -6.64 8.85 38.10
C ASP A 542 -8.07 8.74 38.63
N TYR A 543 -8.98 9.60 38.13
CA TYR A 543 -10.36 9.61 38.59
C TYR A 543 -11.34 9.46 37.44
N VAL A 544 -12.38 8.69 37.66
CA VAL A 544 -13.36 8.41 36.66
C VAL A 544 -14.73 8.66 37.25
N ILE A 545 -15.56 9.41 36.54
CA ILE A 545 -16.95 9.55 36.95
C ILE A 545 -17.77 8.83 35.87
N PHE A 546 -18.47 7.78 36.26
CA PHE A 546 -19.25 6.99 35.35
C PHE A 546 -20.72 7.13 35.65
N THR A 547 -21.51 7.53 34.67
CA THR A 547 -22.98 7.52 34.81
C THR A 547 -23.50 6.38 33.88
N GLN A 548 -24.19 5.37 34.44
CA GLN A 548 -24.74 4.28 33.65
C GLN A 548 -25.77 4.72 32.58
N THR A 549 -26.44 5.87 32.79
CA THR A 549 -27.44 6.55 31.93
C THR A 549 -28.77 5.78 31.83
N THR A 550 -28.72 4.51 31.41
CA THR A 550 -29.92 3.67 31.27
C THR A 550 -29.65 2.27 31.84
N GLU A 551 -30.72 1.47 31.89
CA GLU A 551 -30.69 0.06 32.12
C GLU A 551 -31.17 -0.52 30.79
N THR A 552 -30.23 -0.70 29.90
CA THR A 552 -30.40 -1.39 28.63
C THR A 552 -29.38 -2.56 28.59
N ALA A 553 -29.49 -3.46 27.59
CA ALA A 553 -28.51 -4.54 27.37
C ALA A 553 -27.10 -3.91 27.12
N HIS A 554 -27.07 -2.76 26.39
CA HIS A 554 -25.86 -2.01 26.11
C HIS A 554 -25.15 -1.50 27.41
N SER A 555 -25.87 -0.80 28.28
CA SER A 555 -25.29 -0.22 29.47
C SER A 555 -25.09 -1.26 30.59
N CYS A 556 -25.79 -2.41 30.53
CA CYS A 556 -25.63 -3.47 31.53
C CYS A 556 -24.68 -4.56 31.11
N ASN A 557 -24.06 -4.46 29.93
CA ASN A 557 -23.18 -5.45 29.38
C ASN A 557 -21.98 -5.62 30.32
N VAL A 558 -21.73 -6.85 30.83
CA VAL A 558 -20.67 -7.05 31.80
C VAL A 558 -19.29 -6.69 31.25
N ASN A 559 -19.02 -6.90 29.95
CA ASN A 559 -17.71 -6.53 29.37
C ASN A 559 -17.53 -5.01 29.37
N ARG A 560 -18.57 -4.26 28.99
CA ARG A 560 -18.56 -2.81 28.96
C ARG A 560 -18.42 -2.28 30.41
N PHE A 561 -19.15 -2.88 31.36
CA PHE A 561 -19.09 -2.50 32.75
C PHE A 561 -17.65 -2.68 33.31
N ASN A 562 -17.02 -3.82 32.97
CA ASN A 562 -15.65 -4.19 33.31
C ASN A 562 -14.65 -3.12 32.83
N VAL A 563 -14.69 -2.79 31.52
CA VAL A 563 -13.84 -1.74 30.95
C VAL A 563 -14.09 -0.40 31.64
N ALA A 564 -15.37 -0.03 31.83
CA ALA A 564 -15.70 1.25 32.42
C ALA A 564 -15.04 1.48 33.80
N ILE A 565 -15.20 0.53 34.74
CA ILE A 565 -14.71 0.74 36.07
C ILE A 565 -13.22 0.47 36.22
N THR A 566 -12.58 -0.27 35.28
CA THR A 566 -11.15 -0.53 35.31
C THR A 566 -10.32 0.56 34.60
N ARG A 567 -10.91 1.72 34.24
CA ARG A 567 -10.11 2.84 33.68
C ARG A 567 -9.38 3.64 34.84
N ALA A 568 -9.92 3.56 36.05
CA ALA A 568 -9.49 4.30 37.23
C ALA A 568 -8.24 3.75 37.97
N LYS A 569 -7.29 4.63 38.20
CA LYS A 569 -6.06 4.34 38.96
C LYS A 569 -6.24 4.66 40.45
N VAL A 570 -7.03 5.70 40.75
CA VAL A 570 -7.17 6.17 42.12
C VAL A 570 -8.61 6.11 42.65
N GLY A 571 -9.52 6.80 41.97
CA GLY A 571 -10.91 6.82 42.38
C GLY A 571 -11.94 6.71 41.26
N ILE A 572 -13.15 6.31 41.63
CA ILE A 572 -14.24 6.19 40.69
C ILE A 572 -15.55 6.50 41.39
N LEU A 573 -16.42 7.24 40.72
CA LEU A 573 -17.76 7.48 41.19
C LEU A 573 -18.66 6.80 40.15
N CYS A 574 -19.54 5.87 40.54
CA CYS A 574 -20.46 5.19 39.64
C CYS A 574 -21.87 5.57 39.98
N ILE A 575 -22.55 6.29 39.10
CA ILE A 575 -23.97 6.61 39.30
C ILE A 575 -24.68 5.51 38.45
N MET A 576 -25.36 4.58 39.11
CA MET A 576 -25.96 3.41 38.55
C MET A 576 -27.45 3.47 38.33
N SER A 577 -27.89 2.79 37.28
CA SER A 577 -29.31 2.63 36.95
C SER A 577 -29.75 1.19 37.26
N ASP A 578 -28.85 0.21 37.09
CA ASP A 578 -29.12 -1.20 37.27
C ASP A 578 -28.80 -1.66 38.68
N ARG A 579 -29.80 -2.22 39.39
CA ARG A 579 -29.65 -2.69 40.77
C ARG A 579 -28.64 -3.83 40.90
N ASP A 580 -28.60 -4.72 39.92
CA ASP A 580 -27.71 -5.88 39.87
C ASP A 580 -26.22 -5.44 39.87
N LEU A 581 -25.80 -4.65 38.86
CA LEU A 581 -24.45 -4.18 38.77
C LEU A 581 -24.12 -3.23 39.94
N TYR A 582 -25.11 -2.43 40.43
CA TYR A 582 -24.88 -1.57 41.59
C TYR A 582 -24.55 -2.44 42.82
N ASP A 583 -25.34 -3.48 43.08
CA ASP A 583 -25.12 -4.36 44.22
C ASP A 583 -23.79 -5.09 44.14
N LYS A 584 -23.30 -5.37 42.91
CA LYS A 584 -22.03 -6.03 42.69
C LYS A 584 -20.83 -5.11 42.94
N LEU A 585 -21.00 -3.78 42.81
CA LEU A 585 -19.90 -2.87 43.04
C LEU A 585 -19.46 -2.89 44.54
N GLN A 586 -18.20 -3.24 44.79
CA GLN A 586 -17.68 -3.31 46.15
C GLN A 586 -17.15 -1.95 46.53
N PHE A 587 -18.05 -0.93 46.51
CA PHE A 587 -17.72 0.48 46.72
C PHE A 587 -18.50 0.99 47.90
N THR A 588 -18.03 2.10 48.46
CA THR A 588 -18.74 2.82 49.50
C THR A 588 -19.96 3.48 48.82
N SER A 589 -21.18 3.29 49.35
CA SER A 589 -22.35 3.90 48.79
C SER A 589 -22.51 5.33 49.31
N LEU A 590 -22.93 6.23 48.42
CA LEU A 590 -23.17 7.62 48.71
C LEU A 590 -24.69 7.88 48.72
N GLU A 591 -25.14 8.85 49.52
CA GLU A 591 -26.55 9.24 49.60
C GLU A 591 -26.76 10.61 48.89
N ILE A 592 -28.05 10.98 48.59
CA ILE A 592 -28.62 12.22 47.95
C ILE A 592 -29.54 11.82 46.78
N VAL B 2 21.57 -11.69 9.75
CA VAL B 2 22.11 -12.84 9.02
C VAL B 2 21.44 -13.05 7.64
N GLY B 3 22.29 -13.23 6.62
CA GLY B 3 21.88 -13.43 5.24
C GLY B 3 23.01 -13.88 4.34
N ALA B 4 22.82 -13.80 3.01
CA ALA B 4 23.81 -14.23 2.00
C ALA B 4 24.67 -13.07 1.43
N CYS B 5 25.97 -13.35 1.21
CA CYS B 5 26.96 -12.42 0.66
C CYS B 5 26.56 -11.93 -0.74
N VAL B 6 26.59 -10.63 -1.01
CA VAL B 6 26.24 -10.12 -2.33
C VAL B 6 27.28 -10.50 -3.39
N LEU B 7 28.56 -10.72 -3.00
CA LEU B 7 29.60 -11.09 -3.99
C LEU B 7 29.82 -12.61 -4.16
N CYS B 8 29.65 -13.33 -3.06
CA CYS B 8 29.97 -14.75 -2.89
C CYS B 8 28.79 -15.67 -2.83
N ASN B 9 27.76 -15.20 -2.18
CA ASN B 9 26.56 -15.90 -1.70
C ASN B 9 26.84 -16.69 -0.40
N SER B 10 28.12 -16.74 0.08
CA SER B 10 28.50 -17.42 1.32
C SER B 10 27.65 -16.93 2.49
N GLN B 11 27.20 -17.85 3.37
CA GLN B 11 26.36 -17.49 4.54
C GLN B 11 27.06 -16.41 5.39
N THR B 12 26.30 -15.46 5.98
CA THR B 12 26.94 -14.35 6.70
C THR B 12 26.15 -13.72 7.84
N SER B 13 26.88 -13.20 8.83
CA SER B 13 26.34 -12.42 9.95
C SER B 13 26.62 -10.90 9.76
N LEU B 14 27.62 -10.54 8.93
CA LEU B 14 28.09 -9.20 8.62
C LEU B 14 27.33 -8.49 7.48
N ARG B 15 27.14 -7.17 7.67
CA ARG B 15 26.59 -6.21 6.72
C ARG B 15 27.55 -5.04 6.76
N CYS B 16 27.82 -4.40 5.60
CA CYS B 16 28.60 -3.17 5.64
C CYS B 16 27.66 -2.09 6.12
N GLY B 17 28.08 -1.38 7.15
CA GLY B 17 27.32 -0.30 7.76
C GLY B 17 27.54 1.04 7.08
N ALA B 18 28.64 1.18 6.30
CA ALA B 18 28.92 2.42 5.56
C ALA B 18 28.22 2.43 4.18
N CYS B 19 27.82 1.22 3.67
CA CYS B 19 27.04 1.08 2.42
C CYS B 19 25.65 1.47 2.80
N ILE B 20 25.01 2.35 1.99
CA ILE B 20 23.65 2.81 2.30
C ILE B 20 22.62 1.67 2.22
N ARG B 21 22.93 0.57 1.51
CA ARG B 21 22.02 -0.57 1.43
C ARG B 21 22.30 -1.68 2.48
N ARG B 22 23.36 -1.50 3.29
CA ARG B 22 23.83 -2.46 4.29
C ARG B 22 23.94 -3.89 3.68
N PRO B 23 24.69 -4.08 2.57
CA PRO B 23 24.73 -5.42 1.95
C PRO B 23 25.41 -6.43 2.83
N PHE B 24 24.91 -7.68 2.79
CA PHE B 24 25.55 -8.76 3.52
C PHE B 24 26.86 -9.09 2.77
N LEU B 25 27.97 -9.13 3.50
CA LEU B 25 29.29 -9.46 2.97
C LEU B 25 29.87 -10.53 3.90
N CYS B 26 30.29 -11.66 3.34
CA CYS B 26 30.87 -12.75 4.15
C CYS B 26 32.20 -12.30 4.82
N CYS B 27 32.77 -13.12 5.70
CA CYS B 27 34.03 -12.78 6.37
C CYS B 27 35.16 -12.34 5.42
N LYS B 28 35.35 -13.04 4.28
CA LYS B 28 36.43 -12.66 3.36
C LYS B 28 36.11 -11.41 2.53
N CYS B 29 34.86 -11.29 2.02
CA CYS B 29 34.47 -10.16 1.18
C CYS B 29 34.30 -8.88 1.99
N CYS B 30 33.85 -9.00 3.26
CA CYS B 30 33.70 -7.86 4.16
C CYS B 30 35.06 -7.26 4.40
N TYR B 31 36.07 -8.13 4.65
CA TYR B 31 37.44 -7.71 4.85
C TYR B 31 37.97 -7.02 3.60
N ASP B 32 37.82 -7.66 2.42
CA ASP B 32 38.33 -7.06 1.19
C ASP B 32 37.69 -5.71 0.90
N HIS B 33 36.43 -5.48 1.34
CA HIS B 33 35.72 -4.21 1.16
C HIS B 33 36.23 -3.13 2.14
N VAL B 34 36.31 -3.46 3.47
CA VAL B 34 36.76 -2.52 4.50
C VAL B 34 38.23 -2.12 4.32
N ILE B 35 39.13 -3.02 3.85
CA ILE B 35 40.55 -2.64 3.70
C ILE B 35 40.84 -1.85 2.42
N SER B 36 39.96 -1.92 1.43
CA SER B 36 40.19 -1.24 0.15
C SER B 36 39.39 0.04 -0.01
N THR B 37 38.40 0.30 0.87
CA THR B 37 37.58 1.52 0.78
C THR B 37 37.60 2.33 2.12
N SER B 38 36.95 3.52 2.13
CA SER B 38 36.70 4.32 3.34
C SER B 38 35.60 3.66 4.23
N HIS B 39 34.96 2.57 3.76
CA HIS B 39 33.89 1.91 4.49
C HIS B 39 34.50 1.06 5.59
N LYS B 40 34.38 1.50 6.86
CA LYS B 40 34.94 0.75 7.98
C LYS B 40 33.90 0.33 9.01
N LEU B 41 32.65 0.80 8.92
CA LEU B 41 31.63 0.40 9.90
C LEU B 41 31.04 -0.95 9.53
N VAL B 42 31.14 -1.93 10.43
CA VAL B 42 30.63 -3.27 10.18
C VAL B 42 29.49 -3.62 11.13
N LEU B 43 28.38 -4.16 10.59
CA LEU B 43 27.21 -4.51 11.39
C LEU B 43 27.03 -6.02 11.44
N SER B 44 26.55 -6.54 12.56
CA SER B 44 26.29 -7.97 12.75
C SER B 44 24.98 -8.07 13.59
N VAL B 45 24.86 -9.00 14.58
CA VAL B 45 23.72 -9.02 15.53
C VAL B 45 23.78 -7.67 16.32
N ASN B 46 25.02 -7.24 16.65
CA ASN B 46 25.36 -5.96 17.27
C ASN B 46 26.31 -5.18 16.31
N PRO B 47 26.30 -3.83 16.35
CA PRO B 47 27.24 -3.08 15.51
C PRO B 47 28.66 -3.16 16.08
N TYR B 48 29.65 -3.23 15.20
CA TYR B 48 31.04 -3.32 15.64
C TYR B 48 31.51 -1.93 15.93
N VAL B 49 31.26 -1.52 17.16
CA VAL B 49 31.63 -0.21 17.72
C VAL B 49 32.22 -0.47 19.11
N CYS B 50 33.11 0.42 19.59
CA CYS B 50 33.67 0.25 20.93
C CYS B 50 32.60 0.47 22.00
N ASN B 51 32.35 -0.56 22.81
CA ASN B 51 31.35 -0.57 23.87
C ASN B 51 31.82 0.15 25.16
N ALA B 52 33.06 0.72 25.17
CA ALA B 52 33.55 1.50 26.30
C ALA B 52 32.81 2.83 26.33
N PRO B 53 32.50 3.36 27.54
CA PRO B 53 31.72 4.62 27.61
C PRO B 53 32.36 5.85 26.95
N GLY B 54 31.59 6.53 26.09
CA GLY B 54 32.02 7.73 25.39
C GLY B 54 33.07 7.53 24.31
N CYS B 55 33.26 6.28 23.87
CA CYS B 55 34.24 5.99 22.82
C CYS B 55 33.62 6.02 21.44
N ASP B 56 34.28 6.72 20.50
CA ASP B 56 33.77 6.85 19.14
C ASP B 56 34.54 5.99 18.11
N VAL B 57 35.18 4.88 18.55
CA VAL B 57 35.86 4.00 17.60
C VAL B 57 34.86 3.04 16.95
N THR B 58 34.57 3.27 15.65
CA THR B 58 33.63 2.48 14.83
C THR B 58 34.35 1.68 13.71
N ASP B 59 35.64 1.98 13.45
CA ASP B 59 36.47 1.33 12.44
C ASP B 59 36.78 -0.09 12.90
N VAL B 60 36.30 -1.09 12.14
CA VAL B 60 36.45 -2.55 12.36
C VAL B 60 37.95 -3.01 12.45
N THR B 61 38.85 -2.32 11.72
CA THR B 61 40.29 -2.61 11.69
C THR B 61 40.99 -2.21 13.02
N GLN B 62 40.38 -1.26 13.76
CA GLN B 62 40.80 -0.72 15.05
C GLN B 62 40.02 -1.35 16.22
N LEU B 63 39.18 -2.38 15.98
CA LEU B 63 38.38 -3.02 17.02
C LEU B 63 38.72 -4.48 17.25
N TYR B 64 38.37 -5.00 18.46
CA TYR B 64 38.64 -6.35 18.97
C TYR B 64 37.44 -6.91 19.76
N LEU B 65 37.35 -8.24 19.91
CA LEU B 65 36.32 -8.87 20.76
C LEU B 65 36.93 -9.20 22.14
N GLY B 66 36.44 -8.55 23.19
CA GLY B 66 36.88 -8.73 24.56
C GLY B 66 35.82 -9.42 25.39
N GLY B 67 35.77 -10.75 25.25
CA GLY B 67 34.79 -11.60 25.92
C GLY B 67 33.59 -11.79 25.01
N MET B 68 32.59 -10.95 25.20
CA MET B 68 31.38 -10.95 24.37
C MET B 68 31.09 -9.57 23.75
N SER B 69 31.75 -8.49 24.27
CA SER B 69 31.61 -7.13 23.79
C SER B 69 32.78 -6.72 22.85
N TYR B 70 32.68 -5.57 22.19
CA TYR B 70 33.67 -5.09 21.21
C TYR B 70 34.36 -3.82 21.75
N TYR B 71 35.71 -3.75 21.66
CA TYR B 71 36.46 -2.59 22.16
C TYR B 71 37.59 -2.20 21.21
N CYS B 72 38.04 -0.93 21.25
CA CYS B 72 39.19 -0.51 20.44
C CYS B 72 40.53 -0.95 21.12
N LYS B 73 41.70 -0.55 20.58
CA LYS B 73 43.01 -0.89 21.15
C LYS B 73 43.18 -0.23 22.56
N SER B 74 42.54 0.95 22.79
CA SER B 74 42.58 1.71 24.04
C SER B 74 41.63 1.23 25.13
N HIS B 75 40.68 0.35 24.80
CA HIS B 75 39.71 -0.14 25.78
C HIS B 75 39.53 -1.63 25.84
N LYS B 76 40.33 -2.38 25.08
CA LYS B 76 40.21 -3.83 25.08
C LYS B 76 40.84 -4.45 26.34
N PRO B 77 40.20 -5.50 26.90
CA PRO B 77 40.80 -6.20 28.05
C PRO B 77 42.01 -7.05 27.62
N PRO B 78 42.85 -7.53 28.58
CA PRO B 78 44.03 -8.34 28.18
C PRO B 78 43.72 -9.52 27.25
N ILE B 79 42.63 -10.26 27.52
CA ILE B 79 42.27 -11.41 26.69
C ILE B 79 41.25 -10.98 25.62
N SER B 80 41.75 -10.73 24.38
CA SER B 80 40.90 -10.29 23.26
C SER B 80 41.53 -10.63 21.89
N PHE B 81 40.71 -10.70 20.82
CA PHE B 81 41.23 -10.96 19.47
C PHE B 81 40.72 -9.92 18.46
N PRO B 82 41.54 -9.51 17.47
CA PRO B 82 41.08 -8.47 16.52
C PRO B 82 39.97 -8.94 15.59
N LEU B 83 38.94 -8.11 15.36
CA LEU B 83 37.85 -8.48 14.44
C LEU B 83 38.42 -8.66 13.00
N CYS B 84 39.40 -7.83 12.62
CA CYS B 84 40.11 -7.79 11.34
C CYS B 84 41.47 -8.51 11.32
N ALA B 85 41.57 -9.70 10.68
CA ALA B 85 42.85 -10.42 10.58
C ALA B 85 42.74 -11.59 9.61
N ASN B 86 43.88 -12.01 9.02
CA ASN B 86 44.00 -13.16 8.10
C ASN B 86 43.05 -13.05 6.88
N GLY B 87 42.79 -11.84 6.42
CA GLY B 87 41.88 -11.64 5.28
C GLY B 87 40.41 -11.81 5.58
N GLN B 88 40.05 -11.79 6.88
CA GLN B 88 38.66 -11.96 7.31
C GLN B 88 38.24 -10.96 8.38
N VAL B 89 36.92 -10.73 8.48
CA VAL B 89 36.28 -9.92 9.51
C VAL B 89 35.51 -10.93 10.39
N PHE B 90 35.69 -10.88 11.71
CA PHE B 90 35.06 -11.83 12.61
C PHE B 90 33.55 -11.79 12.56
N GLY B 91 32.94 -12.93 12.33
CA GLY B 91 31.50 -13.08 12.29
C GLY B 91 31.08 -14.53 12.19
N LEU B 92 29.76 -14.80 12.24
CA LEU B 92 29.19 -16.15 12.09
C LEU B 92 29.52 -16.74 10.71
N TYR B 93 29.52 -18.08 10.62
CA TYR B 93 29.76 -18.86 9.39
C TYR B 93 31.11 -18.58 8.73
N LYS B 94 32.16 -18.35 9.56
CA LYS B 94 33.53 -18.07 9.07
C LYS B 94 34.21 -19.27 8.39
N ASN B 95 33.57 -20.46 8.47
CA ASN B 95 34.00 -21.74 7.89
C ASN B 95 33.48 -21.88 6.44
N THR B 96 32.19 -21.50 6.20
CA THR B 96 31.56 -21.51 4.87
C THR B 96 31.65 -20.10 4.26
N CYS B 97 32.88 -19.67 3.94
CA CYS B 97 33.21 -18.35 3.41
C CYS B 97 34.26 -18.54 2.27
N VAL B 98 33.89 -18.20 1.01
CA VAL B 98 34.71 -18.45 -0.19
C VAL B 98 35.57 -17.26 -0.70
N GLY B 99 34.97 -16.07 -0.75
CA GLY B 99 35.66 -14.87 -1.24
C GLY B 99 35.44 -14.62 -2.72
N SER B 100 36.00 -13.54 -3.24
CA SER B 100 35.92 -13.18 -4.65
C SER B 100 37.27 -12.65 -5.11
N ASP B 101 37.74 -13.11 -6.30
CA ASP B 101 39.03 -12.75 -6.90
C ASP B 101 39.22 -11.23 -7.05
N ASN B 102 38.10 -10.51 -7.35
CA ASN B 102 38.09 -9.05 -7.48
C ASN B 102 36.77 -8.41 -6.96
N VAL B 103 36.86 -7.88 -5.74
CA VAL B 103 35.82 -7.13 -5.03
C VAL B 103 35.70 -5.65 -5.57
N THR B 104 36.46 -5.34 -6.66
CA THR B 104 36.69 -4.07 -7.33
C THR B 104 35.44 -3.39 -7.87
N ASP B 105 34.56 -4.16 -8.57
CA ASP B 105 33.31 -3.62 -9.12
C ASP B 105 32.32 -3.33 -7.98
N PHE B 106 32.28 -4.22 -6.95
CA PHE B 106 31.42 -4.01 -5.78
C PHE B 106 31.81 -2.70 -5.07
N ASN B 107 33.12 -2.47 -4.88
CA ASN B 107 33.63 -1.30 -4.19
C ASN B 107 33.22 -0.02 -4.92
N ALA B 108 33.37 -0.01 -6.26
CA ALA B 108 33.00 1.14 -7.10
C ALA B 108 31.50 1.45 -7.04
N ILE B 109 30.64 0.42 -7.05
CA ILE B 109 29.20 0.62 -6.93
C ILE B 109 28.84 1.15 -5.53
N ALA B 110 29.45 0.57 -4.50
CA ALA B 110 29.23 0.91 -3.09
C ALA B 110 29.63 2.35 -2.76
N THR B 111 30.68 2.88 -3.41
CA THR B 111 31.22 4.20 -3.08
C THR B 111 31.00 5.34 -4.12
N CYS B 112 30.46 5.04 -5.32
CA CYS B 112 30.25 6.09 -6.34
C CYS B 112 29.08 7.03 -5.97
N ASP B 113 29.12 8.27 -6.50
CA ASP B 113 28.06 9.23 -6.21
C ASP B 113 26.91 9.23 -7.26
N TRP B 114 27.03 8.38 -8.33
CA TRP B 114 26.04 8.21 -9.40
C TRP B 114 25.86 9.47 -10.27
N THR B 115 26.84 10.39 -10.28
CA THR B 115 26.76 11.60 -11.09
C THR B 115 27.45 11.42 -12.47
N ASN B 116 28.21 10.33 -12.67
CA ASN B 116 28.93 10.05 -13.90
C ASN B 116 28.25 8.93 -14.68
N ALA B 117 28.32 8.98 -16.01
CA ALA B 117 27.74 7.96 -16.88
C ALA B 117 28.41 6.60 -16.64
N GLY B 118 29.74 6.61 -16.38
CA GLY B 118 30.54 5.43 -16.10
C GLY B 118 30.04 4.57 -14.95
N ASP B 119 29.31 5.20 -13.99
CA ASP B 119 28.68 4.53 -12.84
C ASP B 119 27.51 3.64 -13.31
N TYR B 120 26.73 4.14 -14.29
CA TYR B 120 25.58 3.44 -14.86
C TYR B 120 26.06 2.36 -15.82
N ILE B 121 27.20 2.59 -16.53
CA ILE B 121 27.80 1.63 -17.43
C ILE B 121 28.20 0.40 -16.62
N LEU B 122 28.96 0.60 -15.51
CA LEU B 122 29.36 -0.44 -14.58
C LEU B 122 28.14 -1.16 -14.01
N ALA B 123 27.10 -0.44 -13.53
CA ALA B 123 25.88 -1.03 -12.96
C ALA B 123 25.09 -1.95 -13.95
N ASN B 124 25.41 -1.87 -15.23
CA ASN B 124 24.73 -2.65 -16.24
C ASN B 124 25.65 -3.70 -16.88
N THR B 125 26.99 -3.57 -16.76
CA THR B 125 27.93 -4.53 -17.29
C THR B 125 28.47 -5.50 -16.19
N CYS B 126 28.16 -5.27 -14.93
CA CYS B 126 28.62 -6.10 -13.80
C CYS B 126 27.83 -7.43 -13.71
N THR B 127 28.18 -8.31 -12.76
CA THR B 127 27.45 -9.57 -12.58
C THR B 127 25.99 -9.32 -12.19
N GLU B 128 25.13 -10.33 -12.33
CA GLU B 128 23.71 -10.16 -12.04
C GLU B 128 23.44 -9.73 -10.62
N ARG B 129 24.16 -10.31 -9.65
CA ARG B 129 23.95 -9.93 -8.25
C ARG B 129 24.40 -8.48 -7.98
N LEU B 130 25.46 -8.05 -8.66
CA LEU B 130 25.93 -6.67 -8.55
C LEU B 130 25.02 -5.67 -9.29
N LYS B 131 24.25 -6.14 -10.31
CA LYS B 131 23.27 -5.30 -11.00
C LYS B 131 22.17 -4.95 -9.99
N LEU B 132 21.74 -5.92 -9.14
CA LEU B 132 20.68 -5.68 -8.14
C LEU B 132 21.17 -4.76 -7.02
N PHE B 133 22.43 -4.93 -6.61
CA PHE B 133 23.03 -4.09 -5.58
C PHE B 133 23.20 -2.66 -6.13
N ALA B 134 23.69 -2.52 -7.38
CA ALA B 134 23.77 -1.20 -8.01
C ALA B 134 22.38 -0.53 -8.16
N ALA B 135 21.34 -1.31 -8.52
CA ALA B 135 20.00 -0.79 -8.69
C ALA B 135 19.38 -0.28 -7.39
N GLU B 136 19.50 -1.06 -6.29
CA GLU B 136 19.02 -0.68 -4.97
C GLU B 136 19.80 0.57 -4.46
N THR B 137 21.14 0.55 -4.62
CA THR B 137 22.02 1.60 -4.14
C THR B 137 21.70 2.90 -4.84
N LEU B 138 21.59 2.86 -6.18
CA LEU B 138 21.25 4.01 -7.01
C LEU B 138 19.89 4.55 -6.60
N LYS B 139 18.86 3.70 -6.50
CA LYS B 139 17.52 4.15 -6.14
C LYS B 139 17.48 4.78 -4.75
N ALA B 140 18.17 4.18 -3.80
CA ALA B 140 18.22 4.74 -2.44
C ALA B 140 18.96 6.07 -2.46
N THR B 141 20.06 6.19 -3.24
CA THR B 141 20.84 7.43 -3.39
C THR B 141 19.98 8.54 -4.00
N GLU B 142 19.15 8.19 -5.03
CA GLU B 142 18.23 9.12 -5.67
C GLU B 142 17.15 9.60 -4.69
N GLU B 143 16.56 8.71 -3.86
CA GLU B 143 15.48 9.07 -2.92
C GLU B 143 15.97 10.01 -1.82
N THR B 144 17.18 9.73 -1.33
CA THR B 144 17.88 10.51 -0.30
C THR B 144 18.21 11.90 -0.83
N PHE B 145 18.60 11.98 -2.10
CA PHE B 145 18.87 13.23 -2.75
C PHE B 145 17.63 14.13 -2.79
N LYS B 146 16.42 13.57 -2.89
CA LYS B 146 15.20 14.38 -2.89
C LYS B 146 14.98 15.15 -1.57
N LEU B 147 15.60 14.67 -0.45
CA LEU B 147 15.57 15.27 0.89
C LEU B 147 16.53 16.45 1.01
N SER B 148 17.61 16.48 0.19
CA SER B 148 18.63 17.53 0.18
C SER B 148 18.04 18.91 -0.17
N TYR B 149 16.96 18.91 -0.97
CA TYR B 149 16.26 20.07 -1.42
C TYR B 149 15.47 20.70 -0.27
N GLY B 150 15.40 22.03 -0.29
CA GLY B 150 14.68 22.77 0.74
C GLY B 150 13.20 22.81 0.51
N ILE B 151 12.45 23.01 1.59
CA ILE B 151 11.00 23.14 1.60
C ILE B 151 10.59 24.48 0.97
N ALA B 152 9.52 24.46 0.16
CA ALA B 152 8.94 25.67 -0.44
C ALA B 152 7.65 26.00 0.36
N THR B 153 7.49 27.24 0.82
CA THR B 153 6.29 27.61 1.58
C THR B 153 5.55 28.73 0.87
N VAL B 154 4.21 28.66 0.86
CA VAL B 154 3.35 29.70 0.27
C VAL B 154 3.54 30.98 1.08
N ARG B 155 4.08 32.01 0.43
CA ARG B 155 4.32 33.31 1.06
C ARG B 155 3.14 34.27 0.80
N GLU B 156 2.58 34.20 -0.41
CA GLU B 156 1.50 35.07 -0.82
C GLU B 156 0.70 34.36 -1.90
N VAL B 157 -0.62 34.19 -1.69
CA VAL B 157 -1.45 33.53 -2.70
C VAL B 157 -1.80 34.55 -3.80
N LEU B 158 -0.81 34.91 -4.64
CA LEU B 158 -0.85 35.89 -5.74
C LEU B 158 -2.19 35.90 -6.49
N SER B 159 -2.63 34.72 -6.91
CA SER B 159 -3.87 34.50 -7.63
C SER B 159 -4.11 32.97 -7.71
N ASP B 160 -5.09 32.55 -8.54
CA ASP B 160 -5.32 31.14 -8.78
C ASP B 160 -4.25 30.71 -9.82
N ARG B 161 -3.77 29.47 -9.71
CA ARG B 161 -2.72 28.93 -10.59
C ARG B 161 -1.35 29.64 -10.43
N GLU B 162 -1.25 30.72 -9.63
CA GLU B 162 0.01 31.43 -9.42
C GLU B 162 0.30 31.75 -7.92
N LEU B 163 1.53 31.45 -7.47
CA LEU B 163 1.99 31.62 -6.08
C LEU B 163 3.33 32.38 -5.93
N HIS B 164 3.63 32.87 -4.71
CA HIS B 164 4.89 33.51 -4.37
C HIS B 164 5.53 32.56 -3.37
N LEU B 165 6.69 31.94 -3.70
CA LEU B 165 7.28 30.97 -2.78
C LEU B 165 8.45 31.48 -1.93
N SER B 166 8.53 30.96 -0.69
CA SER B 166 9.57 31.22 0.31
C SER B 166 10.37 29.91 0.46
N TRP B 167 11.67 29.93 0.15
CA TRP B 167 12.49 28.71 0.17
C TRP B 167 13.32 28.55 1.45
N GLU B 168 13.54 27.31 1.87
CA GLU B 168 14.30 27.00 3.07
C GLU B 168 15.78 27.37 2.87
N VAL B 169 16.35 28.13 3.81
CA VAL B 169 17.75 28.57 3.73
C VAL B 169 18.72 27.42 4.03
N GLY B 170 19.86 27.41 3.35
CA GLY B 170 20.88 26.41 3.56
C GLY B 170 20.76 25.18 2.67
N LYS B 171 19.53 24.90 2.19
CA LYS B 171 19.31 23.75 1.33
C LYS B 171 19.03 24.24 -0.10
N PRO B 172 19.61 23.59 -1.12
CA PRO B 172 19.36 24.02 -2.50
C PRO B 172 17.88 23.93 -2.94
N ARG B 173 17.54 24.54 -4.07
CA ARG B 173 16.18 24.51 -4.58
C ARG B 173 16.08 23.57 -5.78
N PRO B 174 15.08 22.67 -5.79
CA PRO B 174 14.94 21.74 -6.92
C PRO B 174 14.55 22.42 -8.22
N PRO B 175 14.88 21.82 -9.38
CA PRO B 175 14.45 22.41 -10.67
C PRO B 175 12.92 22.45 -10.75
N LEU B 176 12.39 23.51 -11.36
CA LEU B 176 10.95 23.69 -11.43
C LEU B 176 10.33 23.25 -12.76
N ASN B 177 10.06 21.94 -12.91
CA ASN B 177 9.45 21.38 -14.13
C ASN B 177 8.44 20.24 -13.84
N ARG B 178 7.91 19.54 -14.87
CA ARG B 178 6.97 18.42 -14.69
C ARG B 178 7.64 17.17 -14.12
N ASN B 179 8.99 17.05 -14.26
CA ASN B 179 9.79 15.94 -13.71
C ASN B 179 9.77 15.95 -12.16
N TYR B 180 9.55 17.13 -11.55
CA TYR B 180 9.56 17.30 -10.11
C TYR B 180 8.14 17.48 -9.55
N VAL B 181 7.61 16.45 -8.86
CA VAL B 181 6.27 16.50 -8.26
C VAL B 181 6.31 16.62 -6.73
N PHE B 182 5.81 17.75 -6.25
CA PHE B 182 5.73 18.17 -4.85
C PHE B 182 4.47 17.69 -4.19
N THR B 183 4.42 17.75 -2.88
CA THR B 183 3.23 17.40 -2.14
C THR B 183 2.98 18.53 -1.18
N GLY B 184 1.80 19.11 -1.26
CA GLY B 184 1.42 20.20 -0.40
C GLY B 184 0.96 19.69 0.95
N TYR B 185 1.14 20.50 1.98
CA TYR B 185 0.74 20.15 3.34
C TYR B 185 0.19 21.36 4.06
N ARG B 186 -0.84 21.18 4.92
CA ARG B 186 -1.40 22.26 5.73
C ARG B 186 -0.99 22.04 7.21
N VAL B 187 -0.35 23.05 7.83
CA VAL B 187 0.15 22.93 9.20
C VAL B 187 -0.99 22.78 10.21
N THR B 188 -1.35 21.52 10.59
CA THR B 188 -2.43 21.26 11.57
C THR B 188 -1.94 21.51 13.03
N LYS B 189 -2.88 21.49 14.01
CA LYS B 189 -2.63 21.70 15.43
C LYS B 189 -1.31 21.09 15.95
N ASN B 190 -1.06 19.79 15.66
CA ASN B 190 0.19 19.14 16.11
C ASN B 190 0.86 18.21 15.04
N SER B 191 0.40 18.28 13.77
CA SER B 191 1.00 17.53 12.66
C SER B 191 0.76 18.23 11.29
N LYS B 192 0.94 17.54 10.16
CA LYS B 192 0.75 18.10 8.82
C LYS B 192 -0.21 17.23 8.00
N VAL B 193 -1.19 17.85 7.33
CA VAL B 193 -2.15 17.08 6.54
C VAL B 193 -1.83 17.16 5.03
N GLN B 194 -1.74 15.99 4.33
CA GLN B 194 -1.47 15.96 2.88
C GLN B 194 -2.59 16.69 2.15
N ILE B 195 -2.23 17.64 1.31
CA ILE B 195 -3.21 18.44 0.58
C ILE B 195 -3.09 18.21 -0.97
N GLY B 196 -2.52 17.08 -1.37
CA GLY B 196 -2.39 16.74 -2.78
C GLY B 196 -1.04 17.06 -3.40
N GLU B 197 -0.77 16.50 -4.59
CA GLU B 197 0.49 16.70 -5.31
C GLU B 197 0.46 17.95 -6.21
N TYR B 198 1.62 18.58 -6.45
CA TYR B 198 1.75 19.81 -7.22
C TYR B 198 3.03 19.86 -8.05
N THR B 199 2.99 20.55 -9.19
CA THR B 199 4.18 20.81 -10.00
C THR B 199 4.27 22.33 -10.25
N PHE B 200 5.47 22.83 -10.53
CA PHE B 200 5.66 24.27 -10.71
C PHE B 200 6.48 24.63 -11.96
N GLU B 201 6.52 25.93 -12.29
CA GLU B 201 7.28 26.55 -13.39
C GLU B 201 7.36 28.09 -13.12
N LYS B 202 8.43 28.77 -13.60
CA LYS B 202 8.61 30.22 -13.43
C LYS B 202 7.38 31.01 -13.92
N GLY B 203 7.08 32.14 -13.29
CA GLY B 203 5.92 32.96 -13.67
C GLY B 203 6.24 34.16 -14.55
N ALA B 208 7.89 34.22 -7.77
CA ALA B 208 6.71 34.24 -8.64
C ALA B 208 6.64 32.95 -9.47
N VAL B 209 5.82 31.99 -9.02
CA VAL B 209 5.70 30.67 -9.67
C VAL B 209 4.25 30.32 -10.09
N VAL B 210 4.10 29.35 -11.02
CA VAL B 210 2.82 28.88 -11.56
C VAL B 210 2.58 27.40 -11.17
N TYR B 211 1.48 27.09 -10.45
CA TYR B 211 1.24 25.71 -10.01
C TYR B 211 0.22 24.93 -10.83
N ARG B 212 0.61 23.70 -11.19
CA ARG B 212 -0.20 22.74 -11.92
C ARG B 212 -0.49 21.58 -10.95
N GLY B 213 -1.38 21.84 -10.00
CA GLY B 213 -1.72 20.88 -8.98
C GLY B 213 -2.58 19.72 -9.43
N THR B 214 -2.20 18.51 -8.98
CA THR B 214 -2.96 17.29 -9.26
C THR B 214 -4.39 17.35 -8.68
N THR B 215 -4.65 18.25 -7.73
CA THR B 215 -5.95 18.44 -7.11
C THR B 215 -6.32 19.94 -7.06
N THR B 216 -7.58 20.25 -6.72
CA THR B 216 -8.11 21.61 -6.59
C THR B 216 -8.31 22.02 -5.12
N TYR B 217 -7.38 22.84 -4.58
CA TYR B 217 -7.47 23.32 -3.20
C TYR B 217 -7.26 24.82 -3.15
N LYS B 218 -8.00 25.52 -2.28
CA LYS B 218 -7.85 26.96 -2.12
C LYS B 218 -6.68 27.14 -1.16
N LEU B 219 -5.46 26.87 -1.65
CA LEU B 219 -4.27 26.93 -0.80
C LEU B 219 -4.07 28.31 -0.21
N ASN B 220 -3.70 28.30 1.05
CA ASN B 220 -3.48 29.50 1.81
C ASN B 220 -1.99 29.65 2.18
N VAL B 221 -1.63 30.82 2.69
CA VAL B 221 -0.26 31.18 3.09
C VAL B 221 0.20 30.30 4.27
N GLY B 222 1.37 29.70 4.17
CA GLY B 222 1.87 28.82 5.23
C GLY B 222 1.94 27.38 4.81
N ASP B 223 1.11 26.98 3.83
CA ASP B 223 1.11 25.63 3.25
C ASP B 223 2.47 25.40 2.57
N TYR B 224 3.00 24.18 2.64
CA TYR B 224 4.34 23.94 2.11
C TYR B 224 4.41 22.74 1.16
N PHE B 225 5.49 22.65 0.36
CA PHE B 225 5.69 21.66 -0.70
C PHE B 225 7.02 20.92 -0.61
N VAL B 226 6.98 19.60 -0.56
CA VAL B 226 8.20 18.77 -0.50
C VAL B 226 8.08 17.65 -1.55
N LEU B 227 9.21 17.26 -2.18
CA LEU B 227 9.21 16.15 -3.13
C LEU B 227 9.04 14.86 -2.32
N THR B 228 8.01 14.04 -2.67
CA THR B 228 7.75 12.82 -1.89
C THR B 228 8.85 11.78 -2.09
N SER B 229 9.51 11.43 -0.98
CA SER B 229 10.58 10.43 -0.89
C SER B 229 9.99 9.04 -0.49
N HIS B 230 10.73 7.96 -0.75
CA HIS B 230 10.23 6.62 -0.46
C HIS B 230 11.30 5.67 0.01
N THR B 231 10.85 4.65 0.79
CA THR B 231 11.71 3.57 1.26
C THR B 231 11.91 2.61 0.08
N VAL B 232 13.17 2.40 -0.31
CA VAL B 232 13.58 1.53 -1.40
C VAL B 232 13.69 0.10 -0.80
N MET B 233 12.85 -0.82 -1.28
CA MET B 233 12.89 -2.20 -0.81
C MET B 233 14.06 -2.96 -1.42
N PRO B 234 14.57 -4.01 -0.75
CA PRO B 234 15.67 -4.80 -1.33
C PRO B 234 15.19 -5.68 -2.51
N LEU B 235 16.11 -5.99 -3.44
CA LEU B 235 15.85 -6.77 -4.64
C LEU B 235 16.32 -8.19 -4.41
N SER B 236 15.56 -9.19 -4.93
CA SER B 236 15.89 -10.61 -4.79
C SER B 236 16.03 -11.27 -6.18
N ALA B 237 15.05 -11.01 -7.06
CA ALA B 237 14.97 -11.57 -8.42
C ALA B 237 15.94 -10.91 -9.42
N PRO B 238 16.47 -11.67 -10.42
CA PRO B 238 17.35 -11.04 -11.42
C PRO B 238 16.60 -10.02 -12.31
N THR B 239 17.32 -9.19 -13.05
CA THR B 239 16.70 -8.24 -14.00
C THR B 239 16.05 -8.99 -15.17
N LEU B 240 16.72 -10.09 -15.60
CA LEU B 240 16.26 -11.03 -16.62
C LEU B 240 16.38 -12.42 -16.06
N VAL B 241 15.31 -13.20 -16.18
CA VAL B 241 15.37 -14.62 -15.81
C VAL B 241 16.31 -15.34 -16.84
N PRO B 242 16.80 -16.56 -16.55
CA PRO B 242 17.64 -17.26 -17.54
C PRO B 242 16.82 -17.58 -18.81
N GLN B 243 17.41 -17.28 -19.98
CA GLN B 243 16.74 -17.51 -21.24
C GLN B 243 16.56 -19.02 -21.53
N GLU B 244 15.41 -19.38 -22.12
CA GLU B 244 15.11 -20.74 -22.55
C GLU B 244 14.54 -20.68 -23.97
N HIS B 245 15.05 -21.49 -24.88
CA HIS B 245 14.49 -21.57 -26.24
C HIS B 245 13.81 -22.89 -26.39
N TYR B 246 12.62 -22.89 -26.97
CA TYR B 246 11.84 -24.08 -27.14
C TYR B 246 11.68 -24.46 -28.62
N VAL B 247 11.43 -25.76 -28.85
CA VAL B 247 11.21 -26.35 -30.18
C VAL B 247 9.75 -26.19 -30.62
N ARG B 248 8.83 -26.04 -29.67
CA ARG B 248 7.40 -25.86 -29.84
C ARG B 248 6.93 -24.69 -28.98
N ILE B 249 5.74 -24.12 -29.31
CA ILE B 249 5.08 -23.08 -28.50
C ILE B 249 4.68 -23.79 -27.21
N THR B 250 5.15 -23.25 -26.08
CA THR B 250 5.02 -23.86 -24.79
C THR B 250 4.02 -23.19 -23.86
N GLY B 251 3.09 -23.96 -23.32
CA GLY B 251 2.12 -23.45 -22.35
C GLY B 251 1.07 -22.49 -22.88
N LEU B 252 1.08 -22.28 -24.20
CA LEU B 252 0.17 -21.37 -24.87
C LEU B 252 -0.54 -22.09 -26.00
N TYR B 253 -1.83 -21.79 -26.18
CA TYR B 253 -2.64 -22.47 -27.19
C TYR B 253 -3.13 -21.46 -28.23
N PRO B 254 -2.48 -21.45 -29.42
CA PRO B 254 -2.82 -20.46 -30.44
C PRO B 254 -4.20 -20.62 -31.06
N THR B 255 -4.75 -19.51 -31.52
CA THR B 255 -6.06 -19.47 -32.10
C THR B 255 -6.05 -20.08 -33.48
N LEU B 256 -7.19 -20.64 -33.89
CA LEU B 256 -7.30 -21.17 -35.25
C LEU B 256 -7.77 -20.06 -36.22
N ASN B 257 -8.60 -19.09 -35.71
CA ASN B 257 -9.16 -17.95 -36.43
C ASN B 257 -8.67 -16.63 -35.85
N ILE B 258 -7.90 -15.86 -36.62
CA ILE B 258 -7.45 -14.54 -36.20
C ILE B 258 -7.94 -13.47 -37.18
N SER B 259 -8.20 -12.28 -36.68
CA SER B 259 -8.60 -11.16 -37.50
C SER B 259 -7.38 -10.73 -38.37
N ASP B 260 -7.61 -10.19 -39.58
CA ASP B 260 -6.53 -9.68 -40.43
C ASP B 260 -5.85 -8.41 -39.88
N GLU B 261 -6.45 -7.78 -38.85
CA GLU B 261 -5.82 -6.64 -38.17
C GLU B 261 -4.54 -7.11 -37.43
N PHE B 262 -4.46 -8.41 -37.02
CA PHE B 262 -3.32 -8.98 -36.29
C PHE B 262 -2.46 -9.98 -37.03
N SER B 263 -2.81 -10.30 -38.28
CA SER B 263 -2.10 -11.27 -39.08
C SER B 263 -0.63 -10.93 -39.30
N SER B 264 -0.28 -9.64 -39.35
CA SER B 264 1.13 -9.24 -39.54
C SER B 264 2.05 -9.69 -38.37
N ASN B 265 1.45 -9.93 -37.22
CA ASN B 265 2.18 -10.31 -36.02
C ASN B 265 2.12 -11.79 -35.69
N VAL B 266 1.44 -12.64 -36.48
CA VAL B 266 1.32 -14.07 -36.17
C VAL B 266 2.71 -14.78 -35.99
N ALA B 267 3.66 -14.56 -36.90
CA ALA B 267 5.00 -15.16 -36.76
C ALA B 267 5.70 -14.70 -35.47
N ASN B 268 5.51 -13.42 -35.10
CA ASN B 268 6.10 -12.87 -33.86
C ASN B 268 5.41 -13.43 -32.62
N TYR B 269 4.08 -13.62 -32.66
CA TYR B 269 3.34 -14.22 -31.54
C TYR B 269 3.81 -15.64 -31.32
N GLN B 270 4.12 -16.37 -32.40
CA GLN B 270 4.64 -17.74 -32.32
C GLN B 270 6.04 -17.73 -31.72
N LYS B 271 6.88 -16.74 -32.09
CA LYS B 271 8.22 -16.57 -31.52
C LYS B 271 8.12 -16.37 -30.01
N VAL B 272 7.13 -15.58 -29.56
CA VAL B 272 6.82 -15.32 -28.15
C VAL B 272 6.59 -16.65 -27.37
N GLY B 273 5.83 -17.58 -27.94
CA GLY B 273 5.55 -18.87 -27.30
C GLY B 273 6.71 -19.86 -27.36
N MET B 274 7.73 -19.57 -28.16
CA MET B 274 8.88 -20.45 -28.35
C MET B 274 10.20 -20.02 -27.63
N GLN B 275 10.10 -19.10 -26.69
CA GLN B 275 11.21 -18.74 -25.83
C GLN B 275 10.70 -18.17 -24.51
N LYS B 276 11.51 -18.23 -23.45
CA LYS B 276 11.11 -17.80 -22.11
C LYS B 276 10.80 -16.30 -22.16
N TYR B 277 11.69 -15.52 -22.73
CA TYR B 277 11.48 -14.08 -22.84
C TYR B 277 11.86 -13.63 -24.23
N SER B 278 11.19 -12.57 -24.66
CA SER B 278 11.42 -12.01 -25.97
C SER B 278 11.39 -10.51 -25.93
N THR B 279 12.21 -9.91 -26.78
CA THR B 279 12.29 -8.48 -26.87
C THR B 279 11.67 -7.98 -28.21
N LEU B 280 10.89 -6.92 -28.14
CA LEU B 280 10.26 -6.33 -29.32
C LEU B 280 10.66 -4.86 -29.41
N GLN B 281 11.45 -4.52 -30.42
CA GLN B 281 11.75 -3.14 -30.70
C GLN B 281 10.66 -2.58 -31.66
N GLY B 282 9.91 -1.63 -31.15
CA GLY B 282 8.88 -0.97 -31.92
C GLY B 282 9.12 0.53 -32.04
N PRO B 283 9.72 0.96 -33.18
CA PRO B 283 9.91 2.41 -33.42
C PRO B 283 8.61 3.20 -33.33
N PRO B 284 8.67 4.55 -33.35
CA PRO B 284 7.43 5.34 -33.25
C PRO B 284 6.40 4.99 -34.31
N GLY B 285 5.16 4.79 -33.86
CA GLY B 285 3.99 4.56 -34.72
C GLY B 285 3.99 3.26 -35.51
N THR B 286 4.72 2.24 -35.03
CA THR B 286 4.84 0.93 -35.67
C THR B 286 3.85 -0.13 -35.11
N GLY B 287 3.12 0.17 -34.03
CA GLY B 287 2.10 -0.73 -33.51
C GLY B 287 2.38 -1.56 -32.27
N LYS B 288 3.13 -0.99 -31.32
CA LYS B 288 3.48 -1.68 -30.07
C LYS B 288 2.25 -2.13 -29.24
N SER B 289 1.29 -1.22 -28.97
CA SER B 289 0.11 -1.61 -28.17
C SER B 289 -0.82 -2.53 -28.95
N HIS B 290 -0.86 -2.38 -30.27
CA HIS B 290 -1.66 -3.26 -31.14
C HIS B 290 -1.05 -4.70 -31.06
N PHE B 291 0.28 -4.80 -31.10
CA PHE B 291 0.97 -6.08 -30.92
C PHE B 291 0.65 -6.66 -29.55
N ALA B 292 0.81 -5.86 -28.48
CA ALA B 292 0.57 -6.28 -27.13
C ALA B 292 -0.85 -6.82 -26.93
N ILE B 293 -1.89 -6.11 -27.42
CA ILE B 293 -3.27 -6.58 -27.24
C ILE B 293 -3.58 -7.78 -28.17
N GLY B 294 -3.00 -7.78 -29.36
CA GLY B 294 -3.17 -8.88 -30.31
C GLY B 294 -2.61 -10.21 -29.85
N LEU B 295 -1.64 -10.16 -28.95
CA LEU B 295 -1.05 -11.34 -28.36
C LEU B 295 -2.14 -12.11 -27.54
N ALA B 296 -3.10 -11.36 -26.92
CA ALA B 296 -4.24 -11.93 -26.18
C ALA B 296 -5.25 -12.61 -27.10
N LEU B 297 -5.44 -12.05 -28.29
CA LEU B 297 -6.34 -12.63 -29.27
C LEU B 297 -5.68 -13.88 -29.93
N TYR B 298 -4.33 -13.88 -30.06
CA TYR B 298 -3.63 -15.02 -30.62
C TYR B 298 -3.58 -16.19 -29.64
N TYR B 299 -3.44 -15.94 -28.33
CA TYR B 299 -3.48 -17.01 -27.31
C TYR B 299 -4.67 -16.68 -26.42
N PRO B 300 -5.91 -17.00 -26.90
CA PRO B 300 -7.12 -16.52 -26.22
C PRO B 300 -7.39 -17.08 -24.84
N SER B 301 -6.77 -18.19 -24.45
CA SER B 301 -6.96 -18.74 -23.10
C SER B 301 -5.86 -18.30 -22.10
N ALA B 302 -4.77 -17.69 -22.61
CA ALA B 302 -3.67 -17.22 -21.79
C ALA B 302 -4.01 -16.07 -20.84
N ARG B 303 -3.57 -16.20 -19.58
CA ARG B 303 -3.72 -15.14 -18.58
C ARG B 303 -2.55 -14.16 -18.83
N ILE B 304 -2.85 -12.90 -19.18
CA ILE B 304 -1.80 -11.93 -19.48
C ILE B 304 -1.76 -10.78 -18.49
N VAL B 305 -0.56 -10.49 -17.94
CA VAL B 305 -0.38 -9.34 -17.08
C VAL B 305 0.35 -8.31 -17.92
N TYR B 306 -0.29 -7.16 -18.14
CA TYR B 306 0.23 -6.01 -18.88
C TYR B 306 0.77 -5.03 -17.86
N THR B 307 2.08 -4.74 -17.95
CA THR B 307 2.74 -3.87 -17.01
C THR B 307 3.62 -2.86 -17.74
N ALA B 308 3.84 -1.72 -17.08
CA ALA B 308 4.70 -0.62 -17.50
C ALA B 308 5.06 0.23 -16.25
N CYS B 309 6.06 1.10 -16.33
CA CYS B 309 6.48 1.92 -15.19
C CYS B 309 5.45 3.00 -14.86
N SER B 310 5.00 3.73 -15.89
CA SER B 310 4.05 4.81 -15.70
C SER B 310 2.57 4.42 -15.79
N HIS B 311 1.73 5.16 -15.07
CA HIS B 311 0.29 4.99 -15.13
C HIS B 311 -0.21 5.28 -16.53
N ALA B 312 0.38 6.26 -17.25
CA ALA B 312 0.01 6.62 -18.62
C ALA B 312 0.27 5.44 -19.60
N ALA B 313 1.46 4.76 -19.48
CA ALA B 313 1.76 3.63 -20.34
C ALA B 313 0.78 2.50 -20.13
N VAL B 314 0.42 2.25 -18.84
CA VAL B 314 -0.55 1.21 -18.50
C VAL B 314 -1.93 1.56 -19.05
N ASP B 315 -2.37 2.83 -18.91
CA ASP B 315 -3.65 3.35 -19.39
C ASP B 315 -3.76 3.26 -20.90
N ALA B 316 -2.68 3.51 -21.64
CA ALA B 316 -2.66 3.39 -23.08
C ALA B 316 -2.87 1.88 -23.48
N LEU B 317 -2.42 0.91 -22.63
CA LEU B 317 -2.67 -0.52 -22.92
C LEU B 317 -4.15 -0.86 -22.61
N CYS B 318 -4.69 -0.27 -21.55
CA CYS B 318 -6.09 -0.44 -21.17
C CYS B 318 -7.01 0.09 -22.30
N GLU B 319 -6.65 1.24 -22.91
CA GLU B 319 -7.44 1.84 -23.98
C GLU B 319 -7.52 0.93 -25.20
N LYS B 320 -6.38 0.32 -25.57
CA LYS B 320 -6.28 -0.63 -26.67
C LYS B 320 -7.03 -1.93 -26.31
N ALA B 321 -6.94 -2.41 -25.06
CA ALA B 321 -7.68 -3.61 -24.63
C ALA B 321 -9.18 -3.38 -24.58
N LEU B 322 -9.61 -2.17 -24.26
CA LEU B 322 -11.04 -1.83 -24.23
C LEU B 322 -11.68 -2.04 -25.63
N LYS B 323 -10.90 -1.80 -26.70
CA LYS B 323 -11.28 -1.96 -28.10
C LYS B 323 -11.31 -3.44 -28.62
N TYR B 324 -10.48 -4.35 -28.05
CA TYR B 324 -10.40 -5.72 -28.58
C TYR B 324 -10.70 -6.87 -27.61
N LEU B 325 -10.55 -6.63 -26.31
CA LEU B 325 -10.69 -7.68 -25.30
C LEU B 325 -11.99 -7.52 -24.53
N PRO B 326 -12.60 -8.63 -24.08
CA PRO B 326 -13.84 -8.52 -23.31
C PRO B 326 -13.60 -7.76 -22.00
N ILE B 327 -14.41 -6.73 -21.73
CA ILE B 327 -14.25 -5.89 -20.56
C ILE B 327 -14.39 -6.65 -19.22
N ASP B 328 -15.24 -7.70 -19.16
CA ASP B 328 -15.44 -8.47 -17.94
C ASP B 328 -14.28 -9.46 -17.64
N LYS B 329 -13.28 -9.55 -18.56
CA LYS B 329 -12.05 -10.33 -18.47
C LYS B 329 -10.83 -9.43 -18.11
N CYS B 330 -11.03 -8.12 -17.90
CA CYS B 330 -10.02 -7.12 -17.60
C CYS B 330 -10.13 -6.52 -16.20
N SER B 331 -8.98 -6.17 -15.64
CA SER B 331 -8.92 -5.48 -14.37
C SER B 331 -7.73 -4.51 -14.30
N ARG B 332 -7.98 -3.27 -13.84
CA ARG B 332 -6.94 -2.27 -13.67
C ARG B 332 -6.54 -2.24 -12.18
N ILE B 333 -5.30 -2.64 -11.86
CA ILE B 333 -4.80 -2.67 -10.47
C ILE B 333 -4.34 -1.28 -10.08
N ILE B 334 -4.97 -0.72 -9.05
CA ILE B 334 -4.68 0.63 -8.58
C ILE B 334 -4.24 0.55 -7.13
N PRO B 335 -3.05 1.13 -6.82
CA PRO B 335 -2.60 1.13 -5.42
C PRO B 335 -3.46 2.04 -4.52
N ALA B 336 -3.67 1.66 -3.26
CA ALA B 336 -4.48 2.46 -2.33
C ALA B 336 -3.90 3.86 -2.13
N VAL B 340 -3.77 9.40 -7.50
CA VAL B 340 -3.49 9.44 -8.95
C VAL B 340 -4.71 9.05 -9.82
N GLU B 341 -5.03 9.86 -10.86
CA GLU B 341 -6.16 9.53 -11.73
C GLU B 341 -5.73 8.70 -12.94
N CYS B 342 -6.27 7.48 -13.04
CA CYS B 342 -5.95 6.59 -14.14
C CYS B 342 -7.23 5.91 -14.73
N PHE B 343 -7.07 4.86 -15.54
CA PHE B 343 -8.11 4.11 -16.24
C PHE B 343 -9.26 3.63 -15.35
N ASP B 344 -10.49 4.14 -15.58
CA ASP B 344 -11.64 3.75 -14.76
C ASP B 344 -12.66 2.83 -15.41
N LYS B 345 -12.38 2.31 -16.62
CA LYS B 345 -13.38 1.49 -17.32
C LYS B 345 -13.33 -0.02 -16.98
N PHE B 346 -12.24 -0.52 -16.37
CA PHE B 346 -12.18 -1.96 -15.99
C PHE B 346 -12.51 -2.12 -14.51
N LYS B 347 -12.90 -3.34 -14.05
CA LYS B 347 -13.14 -3.56 -12.63
C LYS B 347 -11.81 -3.39 -11.87
N VAL B 348 -11.79 -2.55 -10.82
CA VAL B 348 -10.54 -2.23 -10.12
C VAL B 348 -10.15 -3.25 -9.06
N ASN B 349 -8.87 -3.66 -9.09
CA ASN B 349 -8.21 -4.53 -8.13
C ASN B 349 -8.69 -5.98 -8.07
N SER B 350 -9.05 -6.56 -9.21
CA SER B 350 -9.43 -7.97 -9.26
C SER B 350 -8.26 -8.72 -9.87
N THR B 351 -7.27 -9.07 -9.01
CA THR B 351 -6.01 -9.76 -9.32
C THR B 351 -6.22 -11.06 -10.13
N LEU B 352 -7.36 -11.77 -9.88
CA LEU B 352 -7.65 -13.04 -10.56
C LEU B 352 -8.22 -12.94 -12.00
N GLU B 353 -8.40 -11.72 -12.53
CA GLU B 353 -8.91 -11.54 -13.89
C GLU B 353 -7.93 -12.07 -14.96
N GLN B 354 -8.44 -12.51 -16.12
CA GLN B 354 -7.57 -13.01 -17.17
C GLN B 354 -6.56 -11.96 -17.65
N TYR B 355 -6.98 -10.68 -17.73
CA TYR B 355 -6.13 -9.56 -18.17
C TYR B 355 -5.98 -8.59 -17.04
N VAL B 356 -4.75 -8.39 -16.58
CA VAL B 356 -4.46 -7.51 -15.47
C VAL B 356 -3.53 -6.41 -15.92
N PHE B 357 -3.95 -5.18 -15.76
CA PHE B 357 -3.17 -4.02 -16.20
C PHE B 357 -2.74 -3.31 -14.92
N CYS B 358 -1.44 -3.16 -14.71
CA CYS B 358 -0.91 -2.65 -13.47
C CYS B 358 0.48 -2.06 -13.68
N THR B 359 0.80 -0.95 -12.97
CA THR B 359 2.14 -0.39 -13.01
C THR B 359 3.11 -1.34 -12.24
N VAL B 360 4.41 -1.28 -12.55
CA VAL B 360 5.40 -2.13 -11.89
C VAL B 360 5.36 -2.04 -10.34
N ASN B 361 5.35 -0.81 -9.76
CA ASN B 361 5.39 -0.68 -8.29
C ASN B 361 4.11 -1.15 -7.56
N ALA B 362 3.01 -1.38 -8.31
CA ALA B 362 1.75 -1.86 -7.74
C ALA B 362 1.47 -3.37 -8.00
N LEU B 363 2.36 -4.06 -8.70
CA LEU B 363 2.18 -5.46 -9.06
C LEU B 363 1.92 -6.36 -7.86
N PRO B 364 0.89 -7.21 -7.93
CA PRO B 364 0.70 -8.20 -6.86
C PRO B 364 1.62 -9.42 -7.06
N GLU B 365 1.69 -10.29 -6.05
CA GLU B 365 2.46 -11.52 -6.14
C GLU B 365 1.54 -12.47 -6.87
N THR B 366 1.78 -12.70 -8.16
CA THR B 366 0.90 -13.56 -8.97
C THR B 366 1.68 -14.30 -10.09
N THR B 367 1.00 -15.19 -10.79
CA THR B 367 1.57 -15.89 -11.91
C THR B 367 0.79 -15.54 -13.20
N ALA B 368 1.38 -15.80 -14.37
CA ALA B 368 0.73 -15.50 -15.65
C ALA B 368 1.27 -16.40 -16.75
N ASP B 369 0.50 -16.60 -17.81
CA ASP B 369 1.00 -17.35 -18.96
C ASP B 369 1.94 -16.41 -19.75
N ILE B 370 1.59 -15.11 -19.87
CA ILE B 370 2.43 -14.10 -20.51
C ILE B 370 2.45 -12.82 -19.64
N VAL B 371 3.62 -12.23 -19.52
CA VAL B 371 3.80 -10.94 -18.90
C VAL B 371 4.27 -10.04 -20.04
N VAL B 372 3.53 -8.95 -20.33
CA VAL B 372 3.94 -7.99 -21.33
C VAL B 372 4.43 -6.76 -20.55
N PHE B 373 5.69 -6.38 -20.73
CA PHE B 373 6.29 -5.24 -20.04
C PHE B 373 6.55 -4.22 -21.15
N ASP B 374 5.73 -3.17 -21.19
CA ASP B 374 5.78 -2.13 -22.20
C ASP B 374 6.62 -0.90 -21.78
N GLU B 375 6.98 -0.06 -22.78
CA GLU B 375 7.80 1.13 -22.71
C GLU B 375 9.10 0.80 -21.96
N ILE B 376 9.80 -0.24 -22.42
CA ILE B 376 10.98 -0.80 -21.79
C ILE B 376 12.18 0.17 -21.75
N SER B 377 12.28 1.18 -22.67
CA SER B 377 13.39 2.13 -22.58
C SER B 377 13.31 2.93 -21.26
N MET B 378 12.08 3.12 -20.70
CA MET B 378 11.80 3.85 -19.46
C MET B 378 12.01 3.02 -18.19
N ALA B 379 12.21 1.70 -18.31
CA ALA B 379 12.46 0.88 -17.14
C ALA B 379 13.92 1.01 -16.70
N THR B 380 14.12 0.79 -15.41
CA THR B 380 15.43 0.70 -14.78
C THR B 380 15.59 -0.78 -14.39
N ASN B 381 16.82 -1.18 -14.02
CA ASN B 381 17.07 -2.54 -13.53
C ASN B 381 16.30 -2.84 -12.28
N TYR B 382 15.99 -1.79 -11.46
CA TYR B 382 15.18 -1.92 -10.28
C TYR B 382 13.79 -2.43 -10.68
N ASP B 383 13.18 -1.80 -11.70
CA ASP B 383 11.89 -2.20 -12.25
C ASP B 383 11.93 -3.63 -12.81
N LEU B 384 12.96 -3.94 -13.63
CA LEU B 384 13.15 -5.26 -14.23
C LEU B 384 13.13 -6.37 -13.17
N SER B 385 13.86 -6.14 -12.06
CA SER B 385 13.95 -7.08 -10.95
C SER B 385 12.63 -7.23 -10.21
N VAL B 386 11.96 -6.09 -9.92
CA VAL B 386 10.66 -6.10 -9.23
C VAL B 386 9.65 -6.95 -10.02
N VAL B 387 9.62 -6.81 -11.37
CA VAL B 387 8.70 -7.59 -12.20
C VAL B 387 8.99 -9.10 -12.04
N ASN B 388 10.25 -9.48 -12.10
CA ASN B 388 10.61 -10.89 -11.94
C ASN B 388 10.29 -11.44 -10.54
N ALA B 389 10.28 -10.55 -9.52
CA ALA B 389 9.98 -10.92 -8.13
C ALA B 389 8.50 -11.06 -7.86
N ARG B 390 7.69 -10.18 -8.45
CA ARG B 390 6.24 -10.22 -8.26
C ARG B 390 5.54 -11.25 -9.18
N LEU B 391 6.02 -11.39 -10.45
CA LEU B 391 5.36 -12.22 -11.48
C LEU B 391 6.14 -13.47 -11.94
N ARG B 392 5.54 -14.65 -11.74
CA ARG B 392 6.15 -15.90 -12.21
C ARG B 392 5.40 -16.29 -13.49
N ALA B 393 6.03 -16.10 -14.65
CA ALA B 393 5.36 -16.32 -15.92
C ALA B 393 6.00 -17.36 -16.85
N LYS B 394 5.18 -18.00 -17.72
CA LYS B 394 5.73 -18.93 -18.71
C LYS B 394 6.53 -18.13 -19.73
N HIS B 395 6.06 -16.90 -20.09
CA HIS B 395 6.67 -16.04 -21.08
C HIS B 395 6.67 -14.60 -20.67
N TYR B 396 7.73 -13.90 -21.01
CA TYR B 396 7.89 -12.49 -20.70
C TYR B 396 8.16 -11.78 -22.00
N VAL B 397 7.39 -10.77 -22.34
CA VAL B 397 7.60 -9.99 -23.56
C VAL B 397 7.95 -8.56 -23.18
N TYR B 398 9.10 -8.06 -23.63
CA TYR B 398 9.55 -6.73 -23.31
C TYR B 398 9.37 -5.93 -24.55
N ILE B 399 8.52 -4.90 -24.48
CA ILE B 399 8.20 -4.02 -25.60
C ILE B 399 8.68 -2.59 -25.36
N GLY B 400 9.34 -2.02 -26.33
CA GLY B 400 9.82 -0.65 -26.24
C GLY B 400 10.73 -0.34 -27.38
N ASP B 401 11.61 0.62 -27.16
CA ASP B 401 12.49 1.06 -28.21
C ASP B 401 13.74 1.66 -27.60
N PRO B 402 14.91 0.99 -27.73
CA PRO B 402 16.16 1.56 -27.16
C PRO B 402 16.55 2.88 -27.82
N ALA B 403 15.94 3.24 -28.98
CA ALA B 403 16.16 4.51 -29.69
C ALA B 403 15.28 5.66 -29.15
N GLN B 404 14.42 5.36 -28.15
CA GLN B 404 13.60 6.38 -27.49
C GLN B 404 14.20 6.72 -26.08
N LEU B 405 13.56 7.63 -25.37
CA LEU B 405 14.06 8.13 -24.12
C LEU B 405 14.03 7.14 -22.92
N PRO B 406 15.13 7.19 -22.15
CA PRO B 406 15.18 6.42 -20.92
C PRO B 406 14.53 7.19 -19.75
N ALA B 407 14.39 6.51 -18.60
CA ALA B 407 13.90 7.13 -17.37
C ALA B 407 14.91 8.18 -16.97
N PRO B 408 14.45 9.36 -16.52
CA PRO B 408 15.41 10.40 -16.10
C PRO B 408 16.31 9.88 -14.97
N ARG B 409 17.60 10.15 -15.10
CA ARG B 409 18.55 9.77 -14.06
C ARG B 409 18.84 11.08 -13.38
N THR B 410 18.07 11.41 -12.33
CA THR B 410 18.19 12.70 -11.63
C THR B 410 19.62 13.00 -11.13
N LEU B 411 20.41 11.97 -10.74
CA LEU B 411 21.76 12.21 -10.24
C LEU B 411 22.82 12.40 -11.32
N LEU B 412 22.60 11.83 -12.51
CA LEU B 412 23.55 11.87 -13.62
C LEU B 412 23.69 13.26 -14.26
N THR B 413 24.90 13.81 -14.19
CA THR B 413 25.19 15.13 -14.76
C THR B 413 26.43 15.12 -15.66
N LYS B 414 27.30 14.13 -15.53
CA LYS B 414 28.51 14.06 -16.32
C LYS B 414 28.52 12.84 -17.25
N GLY B 415 28.57 13.10 -18.55
CA GLY B 415 28.58 12.04 -19.54
C GLY B 415 27.21 11.70 -20.02
N THR B 416 27.14 11.05 -21.18
CA THR B 416 25.87 10.65 -21.75
C THR B 416 25.65 9.15 -21.50
N LEU B 417 24.42 8.79 -21.13
CA LEU B 417 24.04 7.40 -20.93
C LEU B 417 23.60 6.77 -22.27
N GLU B 418 24.42 5.89 -22.86
CA GLU B 418 24.07 5.24 -24.12
C GLU B 418 22.94 4.19 -23.94
N PRO B 419 22.09 3.98 -25.02
CA PRO B 419 20.97 3.01 -24.93
C PRO B 419 21.32 1.61 -24.44
N GLU B 420 22.51 1.10 -24.80
CA GLU B 420 22.93 -0.21 -24.31
C GLU B 420 23.11 -0.28 -22.77
N TYR B 421 23.01 0.86 -22.09
CA TYR B 421 23.15 0.92 -20.63
C TYR B 421 21.87 1.36 -19.92
N PHE B 422 20.70 1.50 -20.63
CA PHE B 422 19.46 1.95 -19.98
C PHE B 422 18.99 0.92 -18.98
N ASN B 423 19.05 -0.34 -19.33
CA ASN B 423 18.67 -1.47 -18.48
C ASN B 423 19.09 -2.77 -19.19
N SER B 424 18.92 -3.94 -18.55
CA SER B 424 19.34 -5.20 -19.11
C SER B 424 18.65 -5.54 -20.44
N VAL B 425 17.35 -5.20 -20.58
CA VAL B 425 16.60 -5.47 -21.79
C VAL B 425 17.17 -4.65 -22.93
N CYS B 426 17.38 -3.35 -22.70
CA CYS B 426 17.98 -2.47 -23.71
C CYS B 426 19.39 -2.88 -24.05
N ARG B 427 20.14 -3.36 -23.05
CA ARG B 427 21.49 -3.88 -23.28
C ARG B 427 21.45 -5.02 -24.31
N LEU B 428 20.55 -5.99 -24.13
CA LEU B 428 20.37 -7.09 -25.06
C LEU B 428 19.97 -6.59 -26.46
N MET B 429 18.96 -5.71 -26.56
CA MET B 429 18.50 -5.16 -27.84
C MET B 429 19.60 -4.47 -28.61
N LYS B 430 20.53 -3.82 -27.90
CA LYS B 430 21.61 -3.09 -28.55
C LYS B 430 22.86 -3.96 -28.85
N THR B 431 23.00 -5.11 -28.15
CA THR B 431 24.16 -5.98 -28.34
C THR B 431 23.85 -7.18 -29.28
N ILE B 432 22.88 -8.04 -28.91
CA ILE B 432 22.49 -9.19 -29.73
C ILE B 432 21.36 -8.89 -30.73
N GLY B 433 20.80 -7.66 -30.68
CA GLY B 433 19.65 -7.27 -31.48
C GLY B 433 18.36 -7.68 -30.83
N PRO B 434 17.21 -7.03 -31.15
CA PRO B 434 15.94 -7.47 -30.55
C PRO B 434 15.40 -8.76 -31.19
N ASP B 435 14.51 -9.50 -30.50
CA ASP B 435 13.93 -10.72 -31.08
C ASP B 435 13.00 -10.37 -32.24
N MET B 436 12.18 -9.31 -32.03
CA MET B 436 11.20 -8.89 -32.98
C MET B 436 11.32 -7.40 -33.22
N PHE B 437 11.02 -6.98 -34.44
CA PHE B 437 11.13 -5.59 -34.82
C PHE B 437 9.90 -5.17 -35.66
N LEU B 438 9.17 -4.12 -35.22
CA LEU B 438 8.02 -3.59 -35.99
C LEU B 438 8.60 -2.61 -37.00
N GLY B 439 8.70 -3.05 -38.24
CA GLY B 439 9.40 -2.33 -39.28
C GLY B 439 8.67 -1.31 -40.08
N THR B 440 7.34 -1.13 -39.87
CA THR B 440 6.64 -0.14 -40.69
C THR B 440 6.02 0.97 -39.83
N CYS B 441 6.50 2.18 -40.02
CA CYS B 441 5.96 3.33 -39.31
C CYS B 441 4.70 3.81 -40.03
N ARG B 442 3.55 3.73 -39.38
CA ARG B 442 2.28 4.19 -39.97
C ARG B 442 1.94 5.65 -39.62
N ARG B 443 2.72 6.29 -38.75
CA ARG B 443 2.40 7.63 -38.31
C ARG B 443 2.97 8.76 -39.17
N CYS B 444 4.27 8.71 -39.42
CA CYS B 444 5.02 9.85 -39.91
C CYS B 444 5.14 9.97 -41.43
N PRO B 445 5.23 11.24 -41.93
CA PRO B 445 5.56 11.46 -43.36
C PRO B 445 6.88 10.76 -43.68
N ALA B 446 7.06 10.29 -44.91
CA ALA B 446 8.28 9.57 -45.26
C ALA B 446 9.58 10.35 -44.98
N GLU B 447 9.59 11.71 -45.05
CA GLU B 447 10.81 12.50 -44.76
C GLU B 447 11.33 12.22 -43.33
N ILE B 448 10.42 12.10 -42.35
CA ILE B 448 10.71 11.81 -40.96
C ILE B 448 11.13 10.36 -40.82
N VAL B 449 10.38 9.45 -41.45
CA VAL B 449 10.71 8.03 -41.38
C VAL B 449 12.12 7.75 -41.94
N ASP B 450 12.44 8.33 -43.10
CA ASP B 450 13.75 8.16 -43.72
C ASP B 450 14.87 8.75 -42.85
N THR B 451 14.61 9.90 -42.19
CA THR B 451 15.62 10.51 -41.32
C THR B 451 15.93 9.61 -40.13
N VAL B 452 14.91 9.16 -39.36
CA VAL B 452 15.11 8.38 -38.14
C VAL B 452 15.56 6.95 -38.48
N SER B 453 15.10 6.38 -39.61
CA SER B 453 15.53 5.06 -40.07
C SER B 453 17.06 5.07 -40.27
N ALA B 454 17.61 6.10 -40.94
CA ALA B 454 19.07 6.26 -41.12
C ALA B 454 19.80 6.63 -39.81
N LEU B 455 19.20 7.54 -39.00
CA LEU B 455 19.77 8.02 -37.74
C LEU B 455 19.95 6.95 -36.66
N VAL B 456 18.89 6.18 -36.32
CA VAL B 456 18.92 5.24 -35.20
C VAL B 456 18.43 3.78 -35.50
N TYR B 457 17.85 3.51 -36.68
CA TYR B 457 17.26 2.19 -36.94
C TYR B 457 18.01 1.35 -37.97
N ASP B 458 19.25 1.75 -38.34
CA ASP B 458 20.06 1.03 -39.33
C ASP B 458 19.34 0.79 -40.67
N ASN B 459 18.57 1.79 -41.12
CA ASN B 459 17.82 1.79 -42.38
C ASN B 459 16.78 0.68 -42.48
N LYS B 460 16.29 0.17 -41.33
CA LYS B 460 15.29 -0.88 -41.30
C LYS B 460 13.87 -0.39 -41.05
N LEU B 461 13.69 0.92 -40.79
CA LEU B 461 12.34 1.43 -40.57
C LEU B 461 11.77 1.89 -41.92
N LYS B 462 10.59 1.39 -42.29
CA LYS B 462 9.96 1.72 -43.56
C LYS B 462 8.76 2.66 -43.37
N ALA B 463 8.54 3.56 -44.33
CA ALA B 463 7.43 4.51 -44.26
C ALA B 463 6.19 3.89 -44.88
N HIS B 464 5.06 3.95 -44.18
CA HIS B 464 3.79 3.54 -44.74
C HIS B 464 3.24 4.75 -45.55
N LYS B 465 3.26 5.94 -44.95
CA LYS B 465 2.86 7.16 -45.62
C LYS B 465 3.88 7.58 -46.67
N ASP B 466 3.42 8.36 -47.65
CA ASP B 466 4.29 8.97 -48.64
C ASP B 466 4.95 10.23 -47.95
N LYS B 467 5.87 10.91 -48.65
CA LYS B 467 6.42 12.17 -48.18
C LYS B 467 5.25 13.18 -48.17
N SER B 468 5.16 13.98 -47.11
CA SER B 468 4.10 14.97 -47.00
C SER B 468 4.39 16.29 -47.72
N ALA B 469 5.67 16.57 -48.04
CA ALA B 469 6.20 17.85 -48.54
C ALA B 469 5.96 19.01 -47.53
N GLN B 470 5.65 18.67 -46.27
CA GLN B 470 5.40 19.59 -45.19
C GLN B 470 6.39 19.39 -44.02
N CYS B 471 7.63 18.97 -44.33
CA CYS B 471 8.71 18.74 -43.36
C CYS B 471 9.83 19.71 -43.68
N PHE B 472 10.04 20.72 -42.82
CA PHE B 472 10.99 21.79 -43.05
C PHE B 472 12.06 21.91 -41.96
N LYS B 473 13.21 22.43 -42.35
CA LYS B 473 14.31 22.63 -41.47
C LYS B 473 14.93 24.01 -41.72
N MET B 474 15.30 24.68 -40.65
N MET B 474 15.28 24.70 -40.64
CA MET B 474 16.02 25.94 -40.74
CA MET B 474 15.95 26.00 -40.69
C MET B 474 17.20 25.84 -39.80
C MET B 474 17.18 25.89 -39.79
N PHE B 475 18.33 26.36 -40.24
CA PHE B 475 19.52 26.37 -39.44
C PHE B 475 19.64 27.81 -38.84
N TYR B 476 19.36 27.96 -37.54
CA TYR B 476 19.37 29.26 -36.89
C TYR B 476 19.83 29.17 -35.43
N LYS B 477 21.08 29.56 -35.15
CA LYS B 477 21.61 29.48 -33.79
C LYS B 477 20.92 30.43 -32.79
N GLY B 478 20.46 31.59 -33.25
CA GLY B 478 19.74 32.53 -32.39
C GLY B 478 20.58 33.07 -31.25
N VAL B 479 19.97 33.22 -30.07
CA VAL B 479 20.61 33.74 -28.87
C VAL B 479 20.19 32.85 -27.73
N ILE B 480 21.15 32.29 -27.00
CA ILE B 480 20.83 31.44 -25.89
C ILE B 480 20.89 32.20 -24.58
N THR B 481 19.78 32.17 -23.86
CA THR B 481 19.71 32.72 -22.53
C THR B 481 19.44 31.55 -21.58
N HIS B 482 19.96 31.68 -20.35
CA HIS B 482 19.88 30.63 -19.35
C HIS B 482 19.17 31.14 -18.13
N ASP B 483 18.43 30.26 -17.49
CA ASP B 483 17.89 30.59 -16.17
C ASP B 483 18.51 29.56 -15.17
N VAL B 484 17.94 29.44 -13.97
CA VAL B 484 18.51 28.58 -12.93
C VAL B 484 18.73 27.11 -13.38
N SER B 485 17.87 26.56 -14.25
CA SER B 485 17.99 25.16 -14.67
C SER B 485 17.49 24.88 -16.12
N SER B 486 17.40 25.91 -16.98
CA SER B 486 16.88 25.68 -18.33
C SER B 486 17.48 26.68 -19.36
N ALA B 487 17.19 26.46 -20.66
CA ALA B 487 17.63 27.38 -21.71
C ALA B 487 16.43 27.94 -22.48
N ILE B 488 16.64 29.09 -23.04
CA ILE B 488 15.65 29.83 -23.81
C ILE B 488 16.37 30.36 -25.05
N ASN B 489 15.69 30.34 -26.21
CA ASN B 489 16.22 30.89 -27.43
C ASN B 489 15.10 31.73 -28.06
N ARG B 490 14.97 32.98 -27.60
CA ARG B 490 13.94 33.91 -28.07
C ARG B 490 14.00 34.13 -29.58
N PRO B 491 15.18 34.38 -30.20
CA PRO B 491 15.22 34.50 -31.67
C PRO B 491 14.69 33.27 -32.42
N GLN B 492 14.91 32.03 -31.92
CA GLN B 492 14.34 30.84 -32.56
C GLN B 492 12.80 30.86 -32.46
N ILE B 493 12.25 31.37 -31.33
CA ILE B 493 10.79 31.56 -31.20
C ILE B 493 10.29 32.67 -32.15
N GLY B 494 11.09 33.71 -32.34
CA GLY B 494 10.80 34.81 -33.26
C GLY B 494 10.75 34.32 -34.70
N VAL B 495 11.63 33.41 -35.07
CA VAL B 495 11.62 32.79 -36.39
C VAL B 495 10.31 31.96 -36.54
N VAL B 496 9.86 31.26 -35.47
CA VAL B 496 8.63 30.49 -35.52
C VAL B 496 7.45 31.42 -35.72
N ARG B 497 7.41 32.53 -34.98
CA ARG B 497 6.36 33.57 -35.06
C ARG B 497 6.26 34.10 -36.49
N GLU B 498 7.39 34.44 -37.14
CA GLU B 498 7.46 34.90 -38.53
C GLU B 498 6.94 33.82 -39.52
N PHE B 499 7.29 32.55 -39.30
CA PHE B 499 6.83 31.43 -40.10
C PHE B 499 5.32 31.27 -39.96
N LEU B 500 4.79 31.38 -38.72
CA LEU B 500 3.37 31.24 -38.43
C LEU B 500 2.53 32.29 -39.15
N THR B 501 3.02 33.54 -39.26
CA THR B 501 2.29 34.59 -39.96
C THR B 501 2.17 34.26 -41.46
N ARG B 502 3.23 33.70 -42.06
CA ARG B 502 3.23 33.30 -43.46
C ARG B 502 2.57 31.95 -43.74
N ASN B 503 2.36 31.11 -42.69
CA ASN B 503 1.82 29.74 -42.75
C ASN B 503 0.77 29.51 -41.68
N PRO B 504 -0.37 30.25 -41.75
CA PRO B 504 -1.39 30.14 -40.70
C PRO B 504 -2.00 28.75 -40.49
N ALA B 505 -1.90 27.83 -41.47
CA ALA B 505 -2.39 26.45 -41.24
C ALA B 505 -1.63 25.81 -40.05
N TRP B 506 -0.37 26.18 -39.86
CA TRP B 506 0.49 25.69 -38.77
C TRP B 506 0.12 26.22 -37.40
N ARG B 507 -0.90 27.08 -37.26
CA ARG B 507 -1.33 27.52 -35.94
C ARG B 507 -1.99 26.36 -35.16
N LYS B 508 -2.31 25.24 -35.82
CA LYS B 508 -2.80 24.03 -35.15
C LYS B 508 -1.61 23.13 -34.62
N ALA B 509 -0.34 23.58 -34.78
CA ALA B 509 0.83 22.83 -34.36
C ALA B 509 1.08 22.81 -32.86
N VAL B 510 1.80 21.75 -32.40
CA VAL B 510 2.28 21.64 -31.04
C VAL B 510 3.70 22.10 -31.07
N PHE B 511 4.08 22.95 -30.15
CA PHE B 511 5.44 23.44 -30.02
C PHE B 511 6.23 22.45 -29.12
N ILE B 512 7.37 22.01 -29.59
CA ILE B 512 8.25 21.11 -28.85
C ILE B 512 9.66 21.68 -28.83
N SER B 513 10.31 21.55 -27.68
CA SER B 513 11.70 21.91 -27.46
C SER B 513 12.29 21.00 -26.36
N PRO B 514 13.61 20.97 -26.25
CA PRO B 514 14.23 20.18 -25.15
C PRO B 514 14.13 20.88 -23.78
N TYR B 515 13.59 22.12 -23.68
CA TYR B 515 13.59 22.86 -22.41
C TYR B 515 12.26 23.43 -21.99
N ASN B 516 11.90 23.24 -20.73
CA ASN B 516 10.64 23.78 -20.22
C ASN B 516 10.59 25.33 -20.25
N SER B 517 11.72 26.02 -20.03
CA SER B 517 11.73 27.48 -20.08
C SER B 517 11.58 27.99 -21.48
N GLN B 518 12.12 27.27 -22.48
CA GLN B 518 11.90 27.63 -23.88
C GLN B 518 10.39 27.51 -24.21
N ASN B 519 9.74 26.42 -23.73
CA ASN B 519 8.33 26.14 -23.89
C ASN B 519 7.44 27.18 -23.19
N ALA B 520 7.84 27.66 -22.02
CA ALA B 520 7.07 28.67 -21.29
C ALA B 520 7.07 29.98 -22.09
N VAL B 521 8.25 30.35 -22.65
CA VAL B 521 8.37 31.54 -23.47
C VAL B 521 7.56 31.39 -24.77
N ALA B 522 7.70 30.23 -25.47
CA ALA B 522 6.95 29.97 -26.69
C ALA B 522 5.43 29.96 -26.44
N SER B 523 4.97 29.48 -25.28
CA SER B 523 3.55 29.43 -24.98
C SER B 523 2.91 30.82 -24.98
N LYS B 524 3.58 31.79 -24.35
CA LYS B 524 3.08 33.15 -24.27
C LYS B 524 3.21 33.89 -25.62
N ILE B 525 4.32 33.71 -26.34
CA ILE B 525 4.56 34.40 -27.61
C ILE B 525 3.78 33.80 -28.81
N LEU B 526 3.67 32.48 -28.88
CA LEU B 526 3.01 31.81 -30.00
C LEU B 526 1.59 31.37 -29.69
N GLY B 527 1.30 31.07 -28.44
CA GLY B 527 0.00 30.56 -28.08
C GLY B 527 -0.23 29.12 -28.49
N LEU B 528 0.82 28.44 -29.02
CA LEU B 528 0.71 27.02 -29.36
C LEU B 528 0.76 26.19 -28.08
N PRO B 529 0.07 25.03 -28.03
CA PRO B 529 0.30 24.12 -26.90
C PRO B 529 1.76 23.63 -26.94
N THR B 530 2.38 23.42 -25.79
CA THR B 530 3.78 23.02 -25.71
C THR B 530 3.98 21.68 -24.98
N GLN B 531 5.07 21.00 -25.33
CA GLN B 531 5.58 19.75 -24.74
C GLN B 531 7.08 19.77 -24.78
N THR B 532 7.72 19.25 -23.75
CA THR B 532 9.15 19.01 -23.83
C THR B 532 9.23 17.72 -24.69
N VAL B 533 10.40 17.43 -25.26
CA VAL B 533 10.58 16.19 -25.99
C VAL B 533 10.23 14.96 -25.15
N ASP B 534 10.69 14.98 -23.88
CA ASP B 534 10.47 13.93 -22.89
C ASP B 534 8.98 13.74 -22.54
N SER B 535 8.20 14.83 -22.40
CA SER B 535 6.77 14.67 -22.13
C SER B 535 5.96 14.33 -23.41
N SER B 536 6.52 14.56 -24.61
CA SER B 536 5.83 14.27 -25.88
C SER B 536 5.88 12.76 -26.24
N GLN B 537 6.84 11.99 -25.67
CA GLN B 537 7.00 10.54 -25.91
C GLN B 537 5.70 9.78 -25.73
N GLY B 538 5.33 9.00 -26.75
CA GLY B 538 4.08 8.27 -26.73
C GLY B 538 2.89 9.01 -27.33
N SER B 539 3.03 10.35 -27.56
CA SER B 539 1.99 11.20 -28.13
C SER B 539 2.22 11.51 -29.63
N GLU B 540 1.16 11.88 -30.34
CA GLU B 540 1.29 12.24 -31.76
C GLU B 540 0.41 13.42 -32.09
N TYR B 541 0.87 14.25 -33.00
CA TYR B 541 0.19 15.49 -33.42
C TYR B 541 0.36 15.65 -34.96
N ASP B 542 -0.60 16.32 -35.62
CA ASP B 542 -0.54 16.55 -37.07
C ASP B 542 0.68 17.39 -37.42
N TYR B 543 0.86 18.51 -36.72
CA TYR B 543 1.98 19.41 -37.00
C TYR B 543 2.79 19.66 -35.75
N VAL B 544 4.11 19.72 -35.92
CA VAL B 544 5.01 19.91 -34.82
C VAL B 544 5.96 21.03 -35.20
N ILE B 545 6.15 21.97 -34.28
CA ILE B 545 7.19 22.99 -34.47
C ILE B 545 8.22 22.72 -33.38
N PHE B 546 9.43 22.41 -33.79
CA PHE B 546 10.49 22.08 -32.87
C PHE B 546 11.60 23.11 -32.94
N THR B 547 11.94 23.73 -31.81
CA THR B 547 13.13 24.60 -31.74
C THR B 547 14.19 23.85 -30.90
N GLN B 548 15.36 23.57 -31.46
CA GLN B 548 16.44 22.89 -30.75
C GLN B 548 16.96 23.65 -29.49
N THR B 549 16.80 25.00 -29.48
CA THR B 549 17.17 25.93 -28.38
C THR B 549 18.70 26.09 -28.20
N THR B 550 19.41 24.99 -27.96
CA THR B 550 20.86 25.02 -27.76
C THR B 550 21.50 23.85 -28.59
N GLU B 551 22.84 23.74 -28.59
CA GLU B 551 23.62 22.70 -29.25
C GLU B 551 24.32 21.81 -28.17
N THR B 552 23.69 21.61 -27.00
CA THR B 552 24.25 20.87 -25.86
C THR B 552 24.12 19.35 -26.09
N ALA B 553 24.72 18.52 -25.22
CA ALA B 553 24.57 17.07 -25.25
C ALA B 553 23.06 16.71 -25.07
N HIS B 554 22.34 17.46 -24.22
CA HIS B 554 20.91 17.30 -23.99
C HIS B 554 20.08 17.49 -25.27
N SER B 555 20.26 18.64 -25.95
CA SER B 555 19.47 18.96 -27.11
C SER B 555 19.95 18.22 -28.40
N CYS B 556 21.20 17.69 -28.40
CA CYS B 556 21.72 16.93 -29.53
C CYS B 556 21.59 15.43 -29.36
N ASN B 557 20.98 14.98 -28.27
CA ASN B 557 20.88 13.56 -27.97
C ASN B 557 20.04 12.89 -29.04
N VAL B 558 20.60 11.84 -29.72
CA VAL B 558 19.92 11.25 -30.86
C VAL B 558 18.60 10.63 -30.46
N ASN B 559 18.47 10.07 -29.26
CA ASN B 559 17.19 9.47 -28.83
C ASN B 559 16.11 10.53 -28.64
N ARG B 560 16.48 11.67 -28.05
CA ARG B 560 15.60 12.81 -27.82
C ARG B 560 15.20 13.39 -29.19
N PHE B 561 16.17 13.54 -30.10
CA PHE B 561 15.93 14.03 -31.44
C PHE B 561 14.92 13.15 -32.20
N ASN B 562 15.10 11.81 -32.11
CA ASN B 562 14.26 10.78 -32.68
C ASN B 562 12.81 10.93 -32.20
N VAL B 563 12.59 10.98 -30.87
CA VAL B 563 11.27 11.18 -30.27
C VAL B 563 10.68 12.52 -30.75
N ALA B 564 11.48 13.58 -30.73
CA ALA B 564 10.98 14.91 -31.13
C ALA B 564 10.35 14.94 -32.54
N ILE B 565 11.08 14.46 -33.56
CA ILE B 565 10.61 14.57 -34.92
C ILE B 565 9.60 13.51 -35.29
N THR B 566 9.51 12.39 -34.53
CA THR B 566 8.54 11.33 -34.80
C THR B 566 7.21 11.54 -34.08
N ARG B 567 6.94 12.73 -33.51
CA ARG B 567 5.63 13.05 -32.93
C ARG B 567 4.63 13.48 -34.05
N ALA B 568 5.15 13.93 -35.20
CA ALA B 568 4.42 14.48 -36.35
C ALA B 568 3.78 13.43 -37.29
N LYS B 569 2.49 13.62 -37.55
CA LYS B 569 1.72 12.80 -38.48
C LYS B 569 1.72 13.42 -39.88
N VAL B 570 1.75 14.74 -39.99
CA VAL B 570 1.65 15.43 -41.27
C VAL B 570 2.85 16.32 -41.61
N GLY B 571 3.15 17.30 -40.75
CA GLY B 571 4.25 18.21 -40.98
C GLY B 571 5.08 18.54 -39.75
N ILE B 572 6.28 19.03 -39.99
CA ILE B 572 7.19 19.42 -38.93
C ILE B 572 8.09 20.56 -39.40
N LEU B 573 8.29 21.54 -38.52
CA LEU B 573 9.25 22.61 -38.78
C LEU B 573 10.35 22.41 -37.70
N CYS B 574 11.62 22.25 -38.08
CA CYS B 574 12.71 22.11 -37.14
C CYS B 574 13.60 23.31 -37.23
N ILE B 575 13.67 24.15 -36.18
CA ILE B 575 14.63 25.25 -36.13
C ILE B 575 15.82 24.66 -35.34
N MET B 576 16.94 24.44 -36.05
CA MET B 576 18.11 23.75 -35.54
C MET B 576 19.25 24.65 -35.13
N SER B 577 19.95 24.23 -34.10
CA SER B 577 21.16 24.86 -33.59
C SER B 577 22.38 24.05 -34.03
N ASP B 578 22.26 22.73 -34.08
CA ASP B 578 23.34 21.82 -34.39
C ASP B 578 23.41 21.52 -35.87
N ARG B 579 24.55 21.79 -36.50
CA ARG B 579 24.82 21.52 -37.92
C ARG B 579 24.71 20.03 -38.27
N ASP B 580 25.17 19.16 -37.37
CA ASP B 580 25.16 17.70 -37.54
C ASP B 580 23.71 17.19 -37.72
N LEU B 581 22.84 17.40 -36.71
CA LEU B 581 21.47 16.94 -36.76
C LEU B 581 20.69 17.69 -37.87
N TYR B 582 21.04 18.97 -38.15
CA TYR B 582 20.39 19.71 -39.22
C TYR B 582 20.71 19.00 -40.57
N ASP B 583 22.00 18.69 -40.83
CA ASP B 583 22.41 18.03 -42.05
C ASP B 583 21.80 16.64 -42.21
N LYS B 584 21.49 15.95 -41.08
CA LYS B 584 20.85 14.63 -41.08
C LYS B 584 19.35 14.69 -41.41
N LEU B 585 18.69 15.82 -41.15
CA LEU B 585 17.27 15.96 -41.45
C LEU B 585 17.01 15.93 -42.99
N GLN B 586 16.20 14.96 -43.45
CA GLN B 586 15.87 14.85 -44.88
C GLN B 586 14.62 15.68 -45.14
N PHE B 587 14.76 16.99 -44.88
CA PHE B 587 13.68 17.95 -44.96
C PHE B 587 14.07 19.03 -45.96
N THR B 588 13.05 19.75 -46.43
CA THR B 588 13.23 20.89 -47.29
C THR B 588 13.79 22.00 -46.40
N SER B 589 14.91 22.61 -46.80
CA SER B 589 15.46 23.70 -46.05
C SER B 589 14.76 25.03 -46.37
N LEU B 590 14.52 25.83 -45.34
CA LEU B 590 13.89 27.13 -45.47
C LEU B 590 14.97 28.20 -45.23
N GLU B 591 14.80 29.39 -45.84
CA GLU B 591 15.76 30.47 -45.64
C GLU B 591 15.36 31.36 -44.43
N ILE B 592 16.35 32.02 -43.79
CA ILE B 592 16.10 32.89 -42.63
C ILE B 592 15.72 34.31 -43.05
N PRO B 593 14.55 34.78 -42.60
CA PRO B 593 14.16 36.17 -42.93
C PRO B 593 14.82 37.23 -42.03
ZN ZN C . -36.42 -23.06 -21.28
ZN ZN D . -25.56 -19.90 -2.41
ZN ZN E . -17.62 -29.88 -1.44
P PO4 F . -1.92 -3.34 30.55
O1 PO4 F . -3.27 -2.50 30.76
O2 PO4 F . -2.31 -4.83 30.72
O3 PO4 F . -0.82 -2.93 31.64
O4 PO4 F . -1.29 -3.00 29.12
P PO4 G . -6.81 -2.40 29.21
O1 PO4 G . -7.06 -1.56 30.54
O2 PO4 G . -6.68 -3.87 29.58
O3 PO4 G . -8.07 -2.15 28.24
O4 PO4 G . -5.49 -1.95 28.43
N1 VW7 H . 16.91 -3.20 8.51
C4 VW7 H . 17.81 -3.47 6.25
C5 VW7 H . 18.24 -2.92 5.06
C6 VW7 H . 18.25 -1.56 4.86
C7 VW7 H . 18.72 -0.99 3.55
C8 VW7 H . 17.80 -0.71 5.90
C10 VW7 H . 16.57 1.05 7.75
C1 VW7 H . 16.79 -4.46 10.56
C2 VW7 H . 17.61 -3.70 9.56
O1 VW7 H . 18.83 -3.56 9.70
C3 VW7 H . 17.39 -2.65 7.30
N2 VW7 H . 17.80 0.65 5.73
C9 VW7 H . 17.67 1.54 6.86
C11 VW7 H . 16.87 -0.36 8.22
C12 VW7 H . 17.35 -1.26 7.11
ZN ZN I . 30.43 -0.52 2.31
ZN ZN J . 31.70 -13.10 0.11
ZN ZN K . 37.36 2.39 22.88
P PO4 L . 2.77 2.68 -31.25
O1 PO4 L . 2.06 2.07 -29.96
O2 PO4 L . 3.39 4.13 -31.00
O3 PO4 L . 1.73 2.74 -32.42
O4 PO4 L . 3.98 1.74 -31.69
P PO4 M . 5.93 6.02 -29.72
O1 PO4 M . 4.92 5.71 -28.51
O2 PO4 M . 6.85 7.23 -29.48
O3 PO4 M . 5.13 6.31 -31.07
O4 PO4 M . 6.94 4.81 -29.90
#